data_3HKA
#
_entry.id   3HKA
#
_cell.length_a   132.596
_cell.length_b   132.596
_cell.length_c   195.638
_cell.angle_alpha   90.00
_cell.angle_beta   90.00
_cell.angle_gamma   90.00
#
_symmetry.space_group_name_H-M   'P 41 2 2'
#
loop_
_entity.id
_entity.type
_entity.pdbx_description
1 polymer 'Uronate isomerase'
2 non-polymer 'D-fructuronic acid'
3 non-polymer 'CARBONATE ION'
4 non-polymer 'ZINC ION'
5 non-polymer 'CHLORIDE ION'
6 water water
#
_entity_poly.entity_id   1
_entity_poly.type   'polypeptide(L)'
_entity_poly.pdbx_seq_one_letter_code
;MSINSREVLAEKVKNAVNNQPVTDMHTHLFSPNFGEILLWDIDELLTYHYLVAEVMRWTDVSIEAFWAMSKREQADLIWE
ELFIKRSPVSEACRGVLTCLQGLGLDPATRDLQVYREYFAKKTSEEQVDTVLQLANVSDVVMTNDPFDDNERISWLEGKQ
PDSRFHAALRLDPLLNEYEQTKHRLRDWGYKVNDEWNEGSIQEVKRFLTDWIERMDPVYMAVSLPPTFSFPEESNRGRII
RDCLLPVAEKHNIPFAMMIGVKKRVHPALGDAGDFVGKASMDGVEHLLREYPNNKFLVTMLSRENQHELVVLARKFSNLM
IFGCWWFMNNPEIINEMTRMRMEMLGTSFIPQHSDARVLEQLIYKWHHSKSIIAEVLIDKYDDILQAGWEVTEEEIKRDV
ADLFSRNFWRFVGRNDHVTSVKVEQQT
;
_entity_poly.pdbx_strand_id   A,B,C
#
loop_
_chem_comp.id
_chem_comp.type
_chem_comp.name
_chem_comp.formula
CL non-polymer 'CHLORIDE ION' 'Cl -1'
CO3 non-polymer 'CARBONATE ION' 'C O3 -2'
FIX D-saccharide 'D-fructuronic acid' 'C6 H8 O7'
ZN non-polymer 'ZINC ION' 'Zn 2'
#
# COMPACT_ATOMS: atom_id res chain seq x y z
N ILE A 3 -7.65 24.34 -24.86
CA ILE A 3 -8.33 23.11 -24.36
C ILE A 3 -9.38 23.48 -23.31
N ASN A 4 -10.59 22.98 -23.48
CA ASN A 4 -11.68 23.25 -22.55
C ASN A 4 -12.71 22.12 -22.54
N SER A 5 -12.21 20.89 -22.56
CA SER A 5 -13.03 19.70 -22.54
C SER A 5 -12.12 18.53 -22.20
N ARG A 6 -12.59 17.60 -21.39
CA ARG A 6 -11.76 16.45 -21.02
C ARG A 6 -11.44 15.64 -22.27
N GLU A 7 -12.41 15.56 -23.18
CA GLU A 7 -12.24 14.82 -24.43
C GLU A 7 -11.09 15.41 -25.25
N VAL A 8 -11.15 16.73 -25.45
CA VAL A 8 -10.11 17.41 -26.20
C VAL A 8 -8.77 17.29 -25.48
N LEU A 9 -8.80 17.48 -24.17
CA LEU A 9 -7.60 17.38 -23.36
C LEU A 9 -6.95 16.01 -23.52
N ALA A 10 -7.78 14.96 -23.47
CA ALA A 10 -7.31 13.60 -23.59
C ALA A 10 -6.50 13.34 -24.86
N GLU A 11 -7.02 13.77 -26.02
CA GLU A 11 -6.30 13.54 -27.26
C GLU A 11 -5.01 14.35 -27.28
N LYS A 12 -5.05 15.58 -26.81
CA LYS A 12 -3.87 16.43 -26.77
C LYS A 12 -2.78 15.81 -25.90
N VAL A 13 -3.15 15.28 -24.74
CA VAL A 13 -2.18 14.67 -23.84
C VAL A 13 -1.63 13.37 -24.40
N LYS A 14 -2.51 12.50 -24.89
CA LYS A 14 -2.05 11.23 -25.44
C LYS A 14 -1.06 11.45 -26.59
N ASN A 15 -1.37 12.40 -27.48
CA ASN A 15 -0.49 12.67 -28.61
C ASN A 15 0.86 13.23 -28.18
N ALA A 16 0.85 14.14 -27.20
CA ALA A 16 2.10 14.72 -26.72
C ALA A 16 2.96 13.62 -26.10
N VAL A 17 2.33 12.75 -25.31
CA VAL A 17 3.05 11.67 -24.66
C VAL A 17 3.62 10.69 -25.70
N ASN A 18 2.78 10.25 -26.62
CA ASN A 18 3.20 9.33 -27.66
C ASN A 18 4.32 9.88 -28.53
N ASN A 19 4.19 11.14 -28.96
CA ASN A 19 5.19 11.75 -29.82
C ASN A 19 6.44 12.25 -29.13
N GLN A 20 6.46 12.25 -27.80
CA GLN A 20 7.64 12.72 -27.08
C GLN A 20 8.77 11.70 -27.08
N PRO A 21 9.91 12.06 -27.68
CA PRO A 21 11.08 11.17 -27.75
C PRO A 21 11.52 10.85 -26.32
N VAL A 22 11.74 9.58 -26.03
CA VAL A 22 12.11 9.17 -24.70
C VAL A 22 13.60 8.97 -24.43
N THR A 23 14.04 9.42 -23.26
CA THR A 23 15.41 9.20 -22.82
C THR A 23 15.21 8.12 -21.76
N ASP A 24 15.68 6.91 -22.06
CA ASP A 24 15.55 5.77 -21.15
C ASP A 24 16.78 5.78 -20.25
N MET A 25 16.65 6.37 -19.05
CA MET A 25 17.81 6.48 -18.17
C MET A 25 18.34 5.26 -17.42
N HIS A 26 17.77 4.08 -17.67
CA HIS A 26 18.28 2.84 -17.09
C HIS A 26 17.82 1.61 -17.86
N THR A 27 18.76 0.96 -18.53
CA THR A 27 18.46 -0.25 -19.28
C THR A 27 19.66 -1.17 -19.18
N HIS A 28 19.52 -2.36 -19.74
CA HIS A 28 20.58 -3.33 -19.76
C HIS A 28 20.87 -3.65 -21.23
N LEU A 29 20.81 -2.60 -22.05
CA LEU A 29 21.07 -2.71 -23.48
C LEU A 29 22.46 -2.14 -23.71
N PHE A 30 23.06 -2.47 -24.85
CA PHE A 30 24.39 -1.98 -25.19
C PHE A 30 24.42 -1.50 -26.64
N SER A 31 25.35 -0.62 -26.94
CA SER A 31 25.48 -0.11 -28.30
C SER A 31 25.78 -1.32 -29.20
N PRO A 32 25.17 -1.37 -30.39
CA PRO A 32 25.35 -2.47 -31.35
C PRO A 32 26.79 -2.93 -31.55
N ASN A 33 27.72 -1.97 -31.59
CA ASN A 33 29.13 -2.29 -31.80
C ASN A 33 29.78 -3.04 -30.65
N PHE A 34 29.07 -3.19 -29.54
CA PHE A 34 29.61 -3.91 -28.38
C PHE A 34 29.48 -5.42 -28.55
N GLY A 35 28.77 -5.84 -29.59
CA GLY A 35 28.63 -7.26 -29.85
C GLY A 35 27.37 -7.96 -29.38
N GLU A 36 27.50 -9.27 -29.18
CA GLU A 36 26.41 -10.13 -28.76
C GLU A 36 25.89 -9.76 -27.38
N ILE A 37 26.61 -8.89 -26.69
CA ILE A 37 26.20 -8.44 -25.36
C ILE A 37 24.82 -7.80 -25.50
N LEU A 38 24.51 -7.34 -26.70
CA LEU A 38 23.20 -6.75 -27.00
C LEU A 38 22.27 -7.87 -27.44
N LEU A 39 21.19 -8.09 -26.69
CA LEU A 39 20.25 -9.16 -27.01
C LEU A 39 19.01 -8.66 -27.74
N TRP A 40 18.51 -9.49 -28.66
CA TRP A 40 17.31 -9.15 -29.42
C TRP A 40 16.71 -10.37 -30.14
N ASP A 41 15.45 -10.21 -30.53
CA ASP A 41 14.61 -11.18 -31.25
C ASP A 41 13.62 -11.88 -30.33
N ILE A 42 12.59 -12.48 -30.92
CA ILE A 42 11.54 -13.15 -30.17
C ILE A 42 12.00 -14.23 -29.19
N ASP A 43 13.04 -14.98 -29.54
CA ASP A 43 13.54 -16.03 -28.64
C ASP A 43 14.15 -15.41 -27.39
N GLU A 44 14.79 -14.26 -27.54
CA GLU A 44 15.39 -13.55 -26.41
C GLU A 44 14.27 -12.94 -25.55
N LEU A 45 13.23 -12.46 -26.21
CA LEU A 45 12.09 -11.88 -25.51
C LEU A 45 11.40 -12.92 -24.65
N LEU A 46 11.25 -14.12 -25.20
CA LEU A 46 10.58 -15.21 -24.49
C LEU A 46 11.41 -15.82 -23.37
N THR A 47 12.74 -15.67 -23.46
CA THR A 47 13.61 -16.22 -22.45
C THR A 47 14.04 -15.19 -21.40
N TYR A 48 13.38 -14.05 -21.42
CA TYR A 48 13.61 -12.96 -20.46
C TYR A 48 13.43 -13.62 -19.10
N HIS A 49 14.29 -13.31 -18.11
CA HIS A 49 14.15 -13.99 -16.83
C HIS A 49 12.79 -13.87 -16.14
N TYR A 50 12.04 -12.81 -16.44
CA TYR A 50 10.71 -12.65 -15.86
C TYR A 50 9.86 -13.85 -16.26
N LEU A 51 10.01 -14.27 -17.50
CA LEU A 51 9.25 -15.41 -18.02
C LEU A 51 9.80 -16.76 -17.55
N VAL A 52 11.08 -16.79 -17.21
CA VAL A 52 11.69 -18.02 -16.72
C VAL A 52 11.06 -18.33 -15.36
N ALA A 53 10.88 -17.29 -14.56
CA ALA A 53 10.28 -17.45 -13.24
C ALA A 53 8.83 -17.88 -13.38
N GLU A 54 8.10 -17.24 -14.29
CA GLU A 54 6.70 -17.58 -14.48
C GLU A 54 6.47 -18.99 -15.04
N VAL A 55 7.32 -19.42 -15.97
CA VAL A 55 7.13 -20.76 -16.53
C VAL A 55 7.38 -21.85 -15.48
N MET A 56 8.31 -21.59 -14.56
CA MET A 56 8.61 -22.56 -13.54
C MET A 56 7.48 -22.81 -12.54
N ARG A 57 6.48 -21.93 -12.54
CA ARG A 57 5.33 -22.12 -11.65
C ARG A 57 4.35 -23.10 -12.29
N TRP A 58 4.51 -23.36 -13.58
CA TRP A 58 3.63 -24.26 -14.32
C TRP A 58 4.25 -25.57 -14.82
N THR A 59 5.31 -25.46 -15.59
CA THR A 59 5.97 -26.64 -16.19
C THR A 59 6.54 -27.68 -15.23
N ASP A 60 6.53 -28.93 -15.69
CA ASP A 60 7.05 -30.04 -14.89
C ASP A 60 8.52 -30.29 -15.23
N VAL A 61 9.06 -29.47 -16.12
CA VAL A 61 10.46 -29.57 -16.53
C VAL A 61 11.34 -28.97 -15.44
N SER A 62 12.29 -29.75 -14.94
CA SER A 62 13.18 -29.28 -13.89
C SER A 62 13.97 -28.04 -14.34
N ILE A 63 14.39 -27.23 -13.38
CA ILE A 63 15.15 -26.03 -13.69
C ILE A 63 16.48 -26.45 -14.33
N GLU A 64 17.01 -27.59 -13.89
CA GLU A 64 18.26 -28.10 -14.45
C GLU A 64 18.05 -28.37 -15.94
N ALA A 65 17.00 -29.12 -16.25
CA ALA A 65 16.68 -29.46 -17.63
C ALA A 65 16.44 -28.22 -18.47
N PHE A 66 15.74 -27.24 -17.89
CA PHE A 66 15.46 -26.00 -18.60
C PHE A 66 16.76 -25.35 -19.07
N TRP A 67 17.70 -25.20 -18.15
CA TRP A 67 19.00 -24.59 -18.45
C TRP A 67 19.82 -25.45 -19.42
N ALA A 68 19.45 -26.73 -19.52
CA ALA A 68 20.14 -27.66 -20.42
C ALA A 68 19.62 -27.54 -21.85
N MET A 69 18.43 -26.98 -22.01
CA MET A 69 17.83 -26.81 -23.34
C MET A 69 18.52 -25.68 -24.09
N SER A 70 18.30 -25.63 -25.40
CA SER A 70 18.88 -24.57 -26.21
C SER A 70 17.97 -23.35 -26.07
N LYS A 71 18.42 -22.21 -26.58
CA LYS A 71 17.64 -20.98 -26.50
C LYS A 71 16.27 -21.20 -27.12
N ARG A 72 16.26 -21.82 -28.30
CA ARG A 72 15.00 -22.07 -29.00
C ARG A 72 14.09 -23.03 -28.24
N GLU A 73 14.69 -24.04 -27.61
CA GLU A 73 13.91 -25.00 -26.85
C GLU A 73 13.27 -24.33 -25.64
N GLN A 74 14.02 -23.47 -24.97
CA GLN A 74 13.50 -22.77 -23.80
C GLN A 74 12.37 -21.87 -24.26
N ALA A 75 12.55 -21.22 -25.41
CA ALA A 75 11.53 -20.33 -25.96
C ALA A 75 10.26 -21.11 -26.30
N ASP A 76 10.42 -22.29 -26.89
CA ASP A 76 9.27 -23.11 -27.26
C ASP A 76 8.49 -23.53 -26.02
N LEU A 77 9.21 -23.90 -24.98
CA LEU A 77 8.58 -24.34 -23.73
C LEU A 77 7.75 -23.22 -23.11
N ILE A 78 8.34 -22.04 -23.02
CA ILE A 78 7.66 -20.88 -22.43
C ILE A 78 6.43 -20.47 -23.24
N TRP A 79 6.55 -20.45 -24.56
CA TRP A 79 5.43 -20.09 -25.42
C TRP A 79 4.27 -21.05 -25.18
N GLU A 80 4.58 -22.34 -25.14
CA GLU A 80 3.59 -23.38 -24.92
C GLU A 80 2.95 -23.30 -23.52
N GLU A 81 3.79 -23.19 -22.50
CA GLU A 81 3.32 -23.14 -21.11
C GLU A 81 2.60 -21.87 -20.69
N LEU A 82 3.09 -20.71 -21.13
CA LEU A 82 2.51 -19.43 -20.75
C LEU A 82 1.57 -18.77 -21.74
N PHE A 83 1.59 -19.19 -22.99
CA PHE A 83 0.72 -18.58 -24.00
C PHE A 83 -0.34 -19.55 -24.53
N ILE A 84 0.02 -20.80 -24.71
CA ILE A 84 -0.92 -21.78 -25.23
C ILE A 84 -1.75 -22.48 -24.16
N LYS A 85 -1.07 -23.08 -23.18
CA LYS A 85 -1.77 -23.79 -22.10
C LYS A 85 -2.59 -22.88 -21.19
N ARG A 86 -2.18 -21.61 -21.10
CA ARG A 86 -2.89 -20.61 -20.30
C ARG A 86 -2.81 -19.30 -21.06
N SER A 87 -3.78 -18.43 -20.87
CA SER A 87 -3.76 -17.14 -21.56
C SER A 87 -2.63 -16.28 -21.01
N PRO A 88 -1.89 -15.61 -21.92
CA PRO A 88 -0.77 -14.75 -21.53
C PRO A 88 -1.20 -13.41 -20.95
N VAL A 89 -1.89 -13.45 -19.80
CA VAL A 89 -2.38 -12.23 -19.17
C VAL A 89 -1.41 -11.50 -18.25
N SER A 90 -0.31 -12.14 -17.87
CA SER A 90 0.67 -11.47 -17.00
C SER A 90 1.27 -10.30 -17.76
N GLU A 91 1.81 -9.34 -17.02
CA GLU A 91 2.40 -8.15 -17.63
C GLU A 91 3.57 -8.51 -18.56
N ALA A 92 4.42 -9.43 -18.11
CA ALA A 92 5.56 -9.85 -18.92
C ALA A 92 5.13 -10.53 -20.21
N CYS A 93 4.14 -11.41 -20.13
CA CYS A 93 3.66 -12.11 -21.31
C CYS A 93 2.97 -11.11 -22.25
N ARG A 94 2.11 -10.27 -21.68
CA ARG A 94 1.43 -9.23 -22.44
C ARG A 94 2.50 -8.44 -23.21
N GLY A 95 3.60 -8.15 -22.53
CA GLY A 95 4.69 -7.39 -23.13
C GLY A 95 5.23 -8.01 -24.41
N VAL A 96 5.40 -9.32 -24.42
CA VAL A 96 5.90 -10.01 -25.60
C VAL A 96 4.97 -9.75 -26.78
N LEU A 97 3.66 -9.84 -26.53
CA LEU A 97 2.67 -9.62 -27.58
C LEU A 97 2.73 -8.19 -28.12
N THR A 98 2.81 -7.22 -27.21
CA THR A 98 2.88 -5.81 -27.60
C THR A 98 4.08 -5.59 -28.52
N CYS A 99 5.17 -6.30 -28.26
CA CYS A 99 6.38 -6.18 -29.08
C CYS A 99 6.15 -6.71 -30.49
N LEU A 100 5.58 -7.91 -30.57
CA LEU A 100 5.30 -8.52 -31.87
C LEU A 100 4.42 -7.60 -32.71
N GLN A 101 3.30 -7.18 -32.14
CA GLN A 101 2.36 -6.29 -32.82
C GLN A 101 3.01 -4.99 -33.26
N GLY A 102 3.89 -4.46 -32.42
CA GLY A 102 4.56 -3.20 -32.74
C GLY A 102 5.49 -3.32 -33.94
N LEU A 103 6.07 -4.50 -34.12
CA LEU A 103 6.98 -4.75 -35.23
C LEU A 103 6.23 -5.08 -36.52
N GLY A 104 4.91 -5.08 -36.45
CA GLY A 104 4.11 -5.37 -37.62
C GLY A 104 3.64 -6.82 -37.65
N LEU A 105 4.18 -7.65 -36.76
CA LEU A 105 3.79 -9.05 -36.71
C LEU A 105 2.37 -9.16 -36.14
N ASP A 106 1.74 -10.31 -36.36
CA ASP A 106 0.38 -10.50 -35.89
C ASP A 106 0.22 -11.63 -34.88
N PRO A 107 -0.03 -11.26 -33.61
CA PRO A 107 -0.22 -12.22 -32.50
C PRO A 107 -1.44 -13.10 -32.69
N ALA A 108 -2.38 -12.66 -33.51
CA ALA A 108 -3.61 -13.41 -33.75
C ALA A 108 -3.36 -14.84 -34.26
N THR A 109 -2.38 -14.99 -35.15
CA THR A 109 -2.06 -16.29 -35.73
C THR A 109 -1.33 -17.21 -34.76
N ARG A 110 -0.59 -16.63 -33.82
CA ARG A 110 0.18 -17.41 -32.85
C ARG A 110 1.26 -18.20 -33.58
N ASP A 111 1.61 -17.74 -34.78
CA ASP A 111 2.62 -18.40 -35.60
C ASP A 111 4.04 -18.04 -35.19
N LEU A 112 4.53 -18.69 -34.13
CA LEU A 112 5.87 -18.43 -33.62
C LEU A 112 6.98 -18.60 -34.65
N GLN A 113 6.84 -19.58 -35.54
CA GLN A 113 7.87 -19.79 -36.54
C GLN A 113 7.95 -18.62 -37.51
N VAL A 114 6.81 -18.06 -37.86
CA VAL A 114 6.78 -16.92 -38.77
C VAL A 114 7.40 -15.69 -38.08
N TYR A 115 7.10 -15.51 -36.80
CA TYR A 115 7.66 -14.38 -36.05
C TYR A 115 9.18 -14.47 -36.08
N ARG A 116 9.68 -15.67 -35.81
CA ARG A 116 11.11 -15.91 -35.79
C ARG A 116 11.77 -15.61 -37.13
N GLU A 117 11.08 -15.95 -38.21
CA GLU A 117 11.60 -15.70 -39.55
C GLU A 117 11.84 -14.21 -39.77
N TYR A 118 11.04 -13.39 -39.11
CA TYR A 118 11.16 -11.94 -39.21
C TYR A 118 12.53 -11.45 -38.74
N PHE A 119 12.94 -11.94 -37.56
CA PHE A 119 14.21 -11.55 -36.95
C PHE A 119 15.45 -12.10 -37.64
N ALA A 120 15.35 -13.33 -38.14
CA ALA A 120 16.47 -13.99 -38.81
C ALA A 120 17.03 -13.18 -39.99
N LYS A 121 16.16 -12.41 -40.62
CA LYS A 121 16.55 -11.61 -41.78
C LYS A 121 17.44 -10.40 -41.47
N LYS A 122 17.02 -9.57 -40.53
CA LYS A 122 17.74 -8.34 -40.19
C LYS A 122 19.02 -8.48 -39.36
N THR A 123 19.71 -7.36 -39.16
CA THR A 123 20.95 -7.33 -38.39
C THR A 123 20.79 -6.48 -37.13
N SER A 124 21.81 -6.49 -36.27
CA SER A 124 21.79 -5.73 -35.03
C SER A 124 21.56 -4.24 -35.24
N GLU A 125 22.49 -3.59 -35.94
CA GLU A 125 22.39 -2.16 -36.21
C GLU A 125 21.06 -1.83 -36.87
N GLU A 126 20.54 -2.79 -37.63
CA GLU A 126 19.27 -2.61 -38.33
C GLU A 126 18.08 -2.68 -37.38
N GLN A 127 18.07 -3.68 -36.51
CA GLN A 127 16.99 -3.85 -35.55
C GLN A 127 16.98 -2.67 -34.59
N VAL A 128 18.17 -2.22 -34.20
CA VAL A 128 18.29 -1.09 -33.29
C VAL A 128 17.60 0.14 -33.87
N ASP A 129 17.88 0.44 -35.14
CA ASP A 129 17.26 1.60 -35.76
C ASP A 129 15.73 1.45 -35.74
N THR A 130 15.24 0.31 -36.19
CA THR A 130 13.80 0.07 -36.23
C THR A 130 13.14 0.17 -34.85
N VAL A 131 13.68 -0.55 -33.87
CA VAL A 131 13.11 -0.53 -32.53
C VAL A 131 13.10 0.88 -31.94
N LEU A 132 14.22 1.57 -32.02
CA LEU A 132 14.31 2.93 -31.47
C LEU A 132 13.30 3.86 -32.16
N GLN A 133 12.99 3.55 -33.42
CA GLN A 133 12.03 4.34 -34.18
C GLN A 133 10.63 4.04 -33.66
N LEU A 134 10.30 2.75 -33.63
CA LEU A 134 8.99 2.30 -33.19
C LEU A 134 8.67 2.61 -31.73
N ALA A 135 9.70 2.58 -30.88
CA ALA A 135 9.51 2.85 -29.44
C ALA A 135 9.69 4.32 -29.12
N ASN A 136 10.02 5.11 -30.14
CA ASN A 136 10.25 6.54 -30.01
C ASN A 136 11.24 6.87 -28.89
N VAL A 137 12.34 6.14 -28.85
CA VAL A 137 13.38 6.35 -27.85
C VAL A 137 14.55 7.02 -28.55
N SER A 138 14.92 8.20 -28.09
CA SER A 138 16.02 8.95 -28.69
C SER A 138 17.35 8.66 -28.02
N ASP A 139 17.31 8.37 -26.73
CA ASP A 139 18.53 8.10 -25.97
C ASP A 139 18.36 6.95 -25.01
N VAL A 140 19.40 6.11 -24.95
CA VAL A 140 19.40 4.93 -24.07
C VAL A 140 20.59 4.97 -23.12
N VAL A 141 20.33 4.75 -21.84
CA VAL A 141 21.41 4.74 -20.86
C VAL A 141 21.68 3.27 -20.54
N MET A 142 22.93 2.86 -20.69
CA MET A 142 23.33 1.48 -20.45
C MET A 142 23.75 1.25 -19.00
N THR A 143 24.01 0.00 -18.68
CA THR A 143 24.50 -0.40 -17.37
C THR A 143 25.86 -0.99 -17.72
N ASN A 144 26.92 -0.21 -17.47
CA ASN A 144 28.26 -0.65 -17.80
C ASN A 144 29.04 -1.08 -16.57
N ASP A 145 29.27 -2.38 -16.46
CA ASP A 145 29.97 -2.99 -15.34
C ASP A 145 31.38 -3.42 -15.77
N PRO A 146 32.41 -2.70 -15.29
CA PRO A 146 33.80 -3.03 -15.64
C PRO A 146 34.30 -4.39 -15.14
N PHE A 147 33.60 -4.97 -14.18
CA PHE A 147 34.01 -6.26 -13.64
C PHE A 147 33.55 -7.41 -14.54
N ASP A 148 32.74 -7.07 -15.54
CA ASP A 148 32.24 -8.05 -16.48
C ASP A 148 33.23 -8.16 -17.65
N ASP A 149 33.91 -9.29 -17.75
CA ASP A 149 34.89 -9.49 -18.81
C ASP A 149 34.31 -9.29 -20.20
N ASN A 150 33.11 -9.81 -20.43
CA ASN A 150 32.44 -9.68 -21.72
C ASN A 150 32.26 -8.23 -22.16
N GLU A 151 32.29 -7.32 -21.20
CA GLU A 151 32.12 -5.91 -21.51
C GLU A 151 33.40 -5.10 -21.40
N ARG A 152 34.19 -5.36 -20.34
CA ARG A 152 35.43 -4.63 -20.13
C ARG A 152 36.34 -4.72 -21.36
N ILE A 153 36.29 -5.86 -22.04
CA ILE A 153 37.12 -6.09 -23.22
C ILE A 153 36.86 -5.03 -24.29
N SER A 154 35.59 -4.64 -24.48
CA SER A 154 35.26 -3.63 -25.48
C SER A 154 35.79 -2.25 -25.14
N TRP A 155 35.72 -1.88 -23.86
CA TRP A 155 36.23 -0.57 -23.45
C TRP A 155 37.74 -0.50 -23.61
N LEU A 156 38.43 -1.56 -23.18
CA LEU A 156 39.89 -1.59 -23.30
C LEU A 156 40.34 -1.56 -24.76
N GLU A 157 39.45 -1.98 -25.66
CA GLU A 157 39.77 -1.98 -27.08
C GLU A 157 39.55 -0.59 -27.67
N GLY A 158 39.12 0.33 -26.81
CA GLY A 158 38.88 1.69 -27.26
C GLY A 158 37.55 1.88 -27.98
N LYS A 159 36.67 0.87 -27.89
CA LYS A 159 35.37 0.97 -28.53
C LYS A 159 34.54 2.07 -27.89
N GLN A 160 33.72 2.72 -28.70
CA GLN A 160 32.85 3.79 -28.22
C GLN A 160 31.43 3.52 -28.68
N PRO A 161 30.44 3.69 -27.79
CA PRO A 161 29.05 3.46 -28.19
C PRO A 161 28.62 4.59 -29.12
N ASP A 162 27.62 4.36 -29.95
CA ASP A 162 27.19 5.45 -30.82
C ASP A 162 26.47 6.49 -29.97
N SER A 163 26.32 7.69 -30.51
CA SER A 163 25.70 8.82 -29.80
C SER A 163 24.35 8.58 -29.13
N ARG A 164 23.66 7.52 -29.50
CA ARG A 164 22.36 7.23 -28.91
C ARG A 164 22.47 6.45 -27.60
N PHE A 165 23.65 5.92 -27.31
CA PHE A 165 23.87 5.13 -26.10
C PHE A 165 24.84 5.81 -25.14
N HIS A 166 24.42 5.94 -23.88
CA HIS A 166 25.24 6.57 -22.87
C HIS A 166 25.67 5.60 -21.80
N ALA A 167 26.87 5.82 -21.27
CA ALA A 167 27.42 4.95 -20.25
C ALA A 167 27.02 5.36 -18.84
N ALA A 168 26.92 4.35 -17.97
CA ALA A 168 26.59 4.55 -16.57
C ALA A 168 27.49 3.55 -15.87
N LEU A 169 28.41 4.05 -15.04
CA LEU A 169 29.35 3.19 -14.33
C LEU A 169 28.72 2.38 -13.18
N ARG A 170 28.42 1.12 -13.44
CA ARG A 170 27.80 0.22 -12.46
C ARG A 170 28.91 -0.35 -11.56
N LEU A 171 28.72 -0.26 -10.24
CA LEU A 171 29.74 -0.70 -9.29
C LEU A 171 29.39 -1.73 -8.22
N ASP A 172 28.32 -2.49 -8.41
CA ASP A 172 27.93 -3.50 -7.42
C ASP A 172 29.09 -4.35 -6.87
N PRO A 173 29.94 -4.89 -7.76
CA PRO A 173 31.06 -5.72 -7.33
C PRO A 173 32.02 -4.99 -6.38
N LEU A 174 32.28 -3.72 -6.67
CA LEU A 174 33.19 -2.93 -5.84
C LEU A 174 32.62 -2.64 -4.46
N LEU A 175 31.37 -2.17 -4.43
CA LEU A 175 30.72 -1.80 -3.18
C LEU A 175 30.15 -2.94 -2.33
N ASN A 176 29.56 -3.93 -2.97
CA ASN A 176 28.96 -5.04 -2.24
C ASN A 176 29.84 -6.27 -2.05
N GLU A 177 30.90 -6.39 -2.85
CA GLU A 177 31.78 -7.55 -2.75
C GLU A 177 33.26 -7.18 -2.71
N TYR A 178 33.58 -6.11 -1.99
CA TYR A 178 34.95 -5.63 -1.90
C TYR A 178 35.97 -6.68 -1.46
N GLU A 179 35.63 -7.48 -0.45
CA GLU A 179 36.56 -8.49 0.04
C GLU A 179 37.05 -9.46 -1.04
N GLN A 180 36.28 -9.61 -2.11
CA GLN A 180 36.69 -10.48 -3.21
C GLN A 180 37.21 -9.63 -4.35
N THR A 181 36.50 -8.53 -4.59
CA THR A 181 36.83 -7.61 -5.67
C THR A 181 38.16 -6.88 -5.50
N LYS A 182 38.56 -6.64 -4.26
CA LYS A 182 39.81 -5.94 -4.00
C LYS A 182 40.99 -6.62 -4.68
N HIS A 183 40.95 -7.95 -4.74
CA HIS A 183 42.03 -8.70 -5.36
C HIS A 183 42.07 -8.47 -6.87
N ARG A 184 40.91 -8.22 -7.47
CA ARG A 184 40.86 -7.99 -8.90
C ARG A 184 41.44 -6.61 -9.21
N LEU A 185 41.22 -5.65 -8.31
CA LEU A 185 41.76 -4.31 -8.52
C LEU A 185 43.28 -4.40 -8.51
N ARG A 186 43.81 -5.16 -7.56
CA ARG A 186 45.26 -5.34 -7.44
C ARG A 186 45.81 -5.87 -8.77
N ASP A 187 45.15 -6.90 -9.31
CA ASP A 187 45.59 -7.48 -10.58
C ASP A 187 45.56 -6.46 -11.70
N TRP A 188 44.74 -5.43 -11.56
CA TRP A 188 44.63 -4.39 -12.57
C TRP A 188 45.62 -3.25 -12.31
N GLY A 189 46.41 -3.39 -11.26
CA GLY A 189 47.39 -2.37 -10.94
C GLY A 189 46.94 -1.35 -9.92
N TYR A 190 45.77 -1.57 -9.31
CA TYR A 190 45.26 -0.66 -8.29
C TYR A 190 45.70 -1.20 -6.94
N LYS A 191 46.80 -0.64 -6.46
CA LYS A 191 47.44 -1.02 -5.21
C LYS A 191 46.65 -0.79 -3.93
N VAL A 192 45.55 -1.51 -3.75
CA VAL A 192 44.76 -1.37 -2.53
C VAL A 192 45.38 -2.28 -1.49
N ASN A 193 45.45 -1.81 -0.24
CA ASN A 193 46.04 -2.59 0.84
C ASN A 193 45.02 -3.41 1.62
N ASP A 194 45.52 -4.24 2.52
CA ASP A 194 44.66 -5.09 3.34
C ASP A 194 43.71 -4.25 4.19
N GLU A 195 44.25 -3.21 4.80
CA GLU A 195 43.42 -2.35 5.63
C GLU A 195 43.03 -1.10 4.86
N TRP A 196 42.02 -0.40 5.37
CA TRP A 196 41.53 0.82 4.73
C TRP A 196 42.36 2.04 5.12
N ASN A 197 43.41 2.32 4.36
CA ASN A 197 44.26 3.47 4.64
C ASN A 197 44.32 4.41 3.45
N GLU A 198 45.10 5.48 3.60
CA GLU A 198 45.25 6.47 2.55
C GLU A 198 45.47 5.85 1.18
N GLY A 199 46.36 4.86 1.13
CA GLY A 199 46.66 4.20 -0.13
C GLY A 199 45.46 3.52 -0.77
N SER A 200 44.74 2.72 0.01
CA SER A 200 43.57 2.02 -0.49
C SER A 200 42.57 3.04 -1.04
N ILE A 201 42.32 4.07 -0.26
CA ILE A 201 41.39 5.13 -0.64
C ILE A 201 41.76 5.74 -1.98
N GLN A 202 43.02 6.17 -2.11
CA GLN A 202 43.49 6.80 -3.33
C GLN A 202 43.40 5.89 -4.55
N GLU A 203 43.76 4.62 -4.37
CA GLU A 203 43.71 3.69 -5.49
C GLU A 203 42.28 3.40 -5.92
N VAL A 204 41.38 3.24 -4.96
CA VAL A 204 39.99 3.00 -5.31
C VAL A 204 39.46 4.23 -6.06
N LYS A 205 39.85 5.42 -5.59
CA LYS A 205 39.42 6.66 -6.24
C LYS A 205 40.02 6.73 -7.64
N ARG A 206 41.25 6.25 -7.80
CA ARG A 206 41.93 6.25 -9.10
C ARG A 206 41.15 5.30 -10.02
N PHE A 207 40.71 4.18 -9.46
CA PHE A 207 39.94 3.19 -10.21
C PHE A 207 38.69 3.87 -10.76
N LEU A 208 37.95 4.55 -9.88
CA LEU A 208 36.73 5.24 -10.27
C LEU A 208 37.01 6.29 -11.34
N THR A 209 38.04 7.11 -11.11
CA THR A 209 38.38 8.16 -12.05
C THR A 209 38.81 7.62 -13.41
N ASP A 210 39.60 6.55 -13.41
CA ASP A 210 40.05 5.96 -14.67
C ASP A 210 38.85 5.56 -15.52
N TRP A 211 37.87 4.92 -14.89
CA TRP A 211 36.68 4.49 -15.61
C TRP A 211 35.76 5.64 -15.97
N ILE A 212 35.74 6.68 -15.14
CA ILE A 212 34.92 7.85 -15.44
C ILE A 212 35.51 8.47 -16.69
N GLU A 213 36.84 8.46 -16.77
CA GLU A 213 37.54 9.03 -17.91
C GLU A 213 37.29 8.21 -19.18
N ARG A 214 37.22 6.89 -19.03
CA ARG A 214 36.99 5.99 -20.16
C ARG A 214 35.56 6.00 -20.67
N MET A 215 34.59 5.90 -19.77
CA MET A 215 33.19 5.85 -20.16
C MET A 215 32.45 7.16 -20.27
N ASP A 216 32.89 8.18 -19.52
CA ASP A 216 32.19 9.47 -19.53
C ASP A 216 30.73 9.16 -19.19
N PRO A 217 30.52 8.46 -18.06
CA PRO A 217 29.18 8.06 -17.61
C PRO A 217 28.30 9.22 -17.18
N VAL A 218 27.00 9.08 -17.38
CA VAL A 218 26.06 10.11 -16.97
C VAL A 218 25.86 10.02 -15.45
N TYR A 219 26.21 8.86 -14.88
CA TYR A 219 26.11 8.66 -13.44
C TYR A 219 26.75 7.33 -13.03
N MET A 220 27.06 7.20 -11.75
CA MET A 220 27.61 5.96 -11.21
C MET A 220 26.42 5.31 -10.51
N ALA A 221 26.34 3.99 -10.54
CA ALA A 221 25.20 3.30 -9.94
C ALA A 221 25.52 2.04 -9.15
N VAL A 222 24.57 1.64 -8.31
CA VAL A 222 24.70 0.45 -7.49
C VAL A 222 23.31 -0.01 -7.04
N SER A 223 23.10 -1.32 -6.99
CA SER A 223 21.82 -1.83 -6.50
C SER A 223 22.17 -2.28 -5.08
N LEU A 224 21.27 -2.02 -4.16
CA LEU A 224 21.52 -2.33 -2.75
C LEU A 224 20.45 -3.18 -2.08
N PRO A 225 20.83 -3.91 -1.01
CA PRO A 225 19.89 -4.77 -0.28
C PRO A 225 18.94 -3.99 0.63
N PRO A 226 17.85 -4.64 1.10
CA PRO A 226 16.87 -4.02 1.99
C PRO A 226 17.51 -3.53 3.29
N THR A 227 18.63 -4.17 3.66
CA THR A 227 19.35 -3.83 4.87
C THR A 227 20.34 -2.68 4.73
N PHE A 228 20.34 -2.04 3.56
CA PHE A 228 21.26 -0.93 3.32
C PHE A 228 21.23 0.15 4.40
N SER A 229 22.40 0.43 4.97
CA SER A 229 22.54 1.43 6.02
C SER A 229 23.70 2.35 5.68
N PHE A 230 23.62 3.60 6.14
CA PHE A 230 24.69 4.57 5.94
C PHE A 230 24.48 5.72 6.92
N PRO A 231 25.54 6.12 7.65
CA PRO A 231 26.90 5.57 7.64
C PRO A 231 26.95 4.11 8.08
N GLU A 232 28.08 3.47 7.81
CA GLU A 232 28.28 2.08 8.18
C GLU A 232 29.76 1.71 8.12
N GLU A 233 30.27 1.08 9.17
CA GLU A 233 31.68 0.68 9.18
C GLU A 233 31.81 -0.66 8.51
N SER A 234 31.71 -0.62 7.18
CA SER A 234 31.81 -1.80 6.33
C SER A 234 32.57 -1.31 5.12
N ASN A 235 33.01 -2.23 4.27
CA ASN A 235 33.71 -1.82 3.06
C ASN A 235 32.81 -0.90 2.24
N ARG A 236 31.55 -1.27 2.09
CA ARG A 236 30.62 -0.44 1.32
C ARG A 236 30.50 0.95 1.93
N GLY A 237 30.37 1.01 3.25
CA GLY A 237 30.24 2.29 3.93
C GLY A 237 31.45 3.19 3.77
N ARG A 238 32.65 2.61 3.88
CA ARG A 238 33.88 3.37 3.75
C ARG A 238 34.14 3.81 2.31
N ILE A 239 33.87 2.93 1.35
CA ILE A 239 34.08 3.24 -0.05
C ILE A 239 33.19 4.39 -0.48
N ILE A 240 31.91 4.32 -0.11
CA ILE A 240 30.97 5.38 -0.46
C ILE A 240 31.43 6.71 0.15
N ARG A 241 31.77 6.69 1.43
CA ARG A 241 32.20 7.89 2.15
C ARG A 241 33.54 8.47 1.69
N ASP A 242 34.58 7.63 1.65
CA ASP A 242 35.91 8.10 1.29
C ASP A 242 36.25 8.16 -0.19
N CYS A 243 35.53 7.42 -1.02
CA CYS A 243 35.86 7.40 -2.44
C CYS A 243 34.81 7.88 -3.42
N LEU A 244 33.68 7.17 -3.46
CA LEU A 244 32.59 7.48 -4.37
C LEU A 244 32.04 8.91 -4.28
N LEU A 245 31.62 9.32 -3.08
CA LEU A 245 31.05 10.65 -2.91
C LEU A 245 32.01 11.77 -3.29
N PRO A 246 33.26 11.75 -2.79
CA PRO A 246 34.20 12.82 -3.14
C PRO A 246 34.44 12.90 -4.65
N VAL A 247 34.62 11.75 -5.28
CA VAL A 247 34.84 11.71 -6.71
C VAL A 247 33.61 12.18 -7.47
N ALA A 248 32.43 11.77 -7.00
CA ALA A 248 31.18 12.15 -7.65
C ALA A 248 30.99 13.67 -7.59
N GLU A 249 31.32 14.25 -6.45
CA GLU A 249 31.18 15.68 -6.27
C GLU A 249 32.15 16.41 -7.20
N LYS A 250 33.42 16.00 -7.17
CA LYS A 250 34.44 16.63 -8.01
C LYS A 250 34.08 16.64 -9.49
N HIS A 251 33.52 15.53 -9.97
CA HIS A 251 33.15 15.44 -11.38
C HIS A 251 31.68 15.77 -11.61
N ASN A 252 31.01 16.23 -10.55
CA ASN A 252 29.59 16.59 -10.62
C ASN A 252 28.76 15.49 -11.27
N ILE A 253 29.06 14.25 -10.91
CA ILE A 253 28.33 13.10 -11.45
C ILE A 253 27.36 12.58 -10.38
N PRO A 254 26.10 12.34 -10.76
CA PRO A 254 25.14 11.84 -9.77
C PRO A 254 25.43 10.40 -9.35
N PHE A 255 24.90 10.01 -8.20
CA PHE A 255 25.06 8.67 -7.69
C PHE A 255 23.68 8.03 -7.65
N ALA A 256 23.50 6.97 -8.45
CA ALA A 256 22.23 6.29 -8.52
C ALA A 256 22.20 5.08 -7.59
N MET A 257 21.18 5.02 -6.75
CA MET A 257 21.02 3.91 -5.82
C MET A 257 19.68 3.20 -6.09
N MET A 258 19.75 1.90 -6.35
CA MET A 258 18.54 1.11 -6.60
C MET A 258 18.47 0.20 -5.37
N ILE A 259 17.63 0.59 -4.43
CA ILE A 259 17.53 -0.10 -3.15
C ILE A 259 16.37 -1.07 -2.97
N GLY A 260 16.66 -2.20 -2.32
CA GLY A 260 15.61 -3.16 -2.04
C GLY A 260 15.75 -4.58 -2.57
N VAL A 261 16.78 -4.86 -3.35
CA VAL A 261 16.93 -6.21 -3.90
C VAL A 261 17.67 -7.18 -2.97
N LYS A 262 17.07 -8.34 -2.75
CA LYS A 262 17.70 -9.39 -1.94
C LYS A 262 18.16 -10.41 -2.98
N LYS A 263 19.46 -10.39 -3.27
CA LYS A 263 20.03 -11.26 -4.29
C LYS A 263 20.02 -12.75 -4.02
N ARG A 264 19.75 -13.50 -5.09
CA ARG A 264 19.75 -14.95 -5.10
C ARG A 264 19.10 -15.74 -3.97
N VAL A 265 17.81 -15.49 -3.71
CA VAL A 265 17.11 -16.24 -2.68
C VAL A 265 16.83 -17.63 -3.26
N HIS A 266 16.92 -17.74 -4.58
CA HIS A 266 16.75 -19.01 -5.29
C HIS A 266 17.84 -19.05 -6.35
N PRO A 267 19.09 -19.31 -5.93
CA PRO A 267 20.23 -19.37 -6.85
C PRO A 267 20.07 -20.18 -8.13
N ALA A 268 19.34 -21.29 -8.07
CA ALA A 268 19.15 -22.13 -9.26
C ALA A 268 18.47 -21.36 -10.39
N LEU A 269 17.62 -20.39 -10.05
CA LEU A 269 16.91 -19.59 -11.05
C LEU A 269 17.78 -18.55 -11.74
N GLY A 270 19.03 -18.42 -11.32
CA GLY A 270 19.91 -17.44 -11.95
C GLY A 270 19.39 -16.02 -11.79
N ASP A 271 19.30 -15.27 -12.88
CA ASP A 271 18.81 -13.90 -12.81
C ASP A 271 17.36 -13.79 -12.41
N ALA A 272 16.64 -14.90 -12.38
CA ALA A 272 15.24 -14.92 -11.99
C ALA A 272 15.08 -15.30 -10.52
N GLY A 273 16.20 -15.38 -9.80
CA GLY A 273 16.14 -15.78 -8.40
C GLY A 273 16.30 -14.69 -7.35
N ASP A 274 16.11 -13.43 -7.73
CA ASP A 274 16.25 -12.33 -6.78
C ASP A 274 14.89 -11.99 -6.15
N PHE A 275 14.92 -11.54 -4.90
CA PHE A 275 13.71 -11.21 -4.16
C PHE A 275 13.72 -9.73 -3.75
N VAL A 276 12.75 -9.33 -2.91
CA VAL A 276 12.64 -7.94 -2.47
C VAL A 276 12.39 -7.80 -0.96
N GLY A 277 12.71 -6.63 -0.42
CA GLY A 277 12.50 -6.33 0.98
C GLY A 277 12.39 -4.82 1.19
N LYS A 278 11.63 -4.40 2.19
CA LYS A 278 11.50 -2.98 2.49
C LYS A 278 12.77 -2.49 3.17
N ALA A 279 13.27 -1.34 2.74
CA ALA A 279 14.48 -0.78 3.34
C ALA A 279 14.15 0.37 4.27
N SER A 280 15.12 0.74 5.11
CA SER A 280 14.94 1.88 6.00
C SER A 280 15.30 3.08 5.13
N MET A 281 14.69 4.23 5.39
CA MET A 281 15.00 5.43 4.62
C MET A 281 16.17 6.19 5.25
N ASP A 282 16.53 5.81 6.48
CA ASP A 282 17.60 6.48 7.23
C ASP A 282 18.89 6.74 6.45
N GLY A 283 19.38 5.73 5.75
CA GLY A 283 20.61 5.88 4.99
C GLY A 283 20.52 6.91 3.88
N VAL A 284 19.43 6.86 3.13
CA VAL A 284 19.21 7.82 2.03
C VAL A 284 19.02 9.22 2.60
N GLU A 285 18.26 9.33 3.69
CA GLU A 285 18.02 10.61 4.35
C GLU A 285 19.36 11.23 4.74
N HIS A 286 20.21 10.44 5.40
CA HIS A 286 21.52 10.90 5.84
C HIS A 286 22.37 11.40 4.67
N LEU A 287 22.46 10.58 3.63
CA LEU A 287 23.24 10.94 2.44
C LEU A 287 22.79 12.27 1.85
N LEU A 288 21.48 12.41 1.66
CA LEU A 288 20.91 13.62 1.10
C LEU A 288 21.22 14.88 1.92
N ARG A 289 21.03 14.79 3.24
CA ARG A 289 21.27 15.91 4.11
C ARG A 289 22.75 16.25 4.28
N GLU A 290 23.55 15.24 4.61
CA GLU A 290 24.98 15.45 4.87
C GLU A 290 25.90 15.66 3.66
N TYR A 291 25.41 15.42 2.46
CA TYR A 291 26.20 15.62 1.25
C TYR A 291 25.38 16.45 0.28
N PRO A 292 25.11 17.72 0.65
CA PRO A 292 24.32 18.64 -0.17
C PRO A 292 24.94 18.95 -1.52
N ASN A 293 26.23 18.70 -1.67
CA ASN A 293 26.92 18.96 -2.93
C ASN A 293 26.93 17.75 -3.86
N ASN A 294 26.33 16.65 -3.39
CA ASN A 294 26.25 15.45 -4.20
C ASN A 294 24.81 15.28 -4.69
N LYS A 295 24.65 14.71 -5.87
CA LYS A 295 23.34 14.47 -6.45
C LYS A 295 23.05 12.98 -6.36
N PHE A 296 21.81 12.62 -6.06
CA PHE A 296 21.42 11.23 -5.93
C PHE A 296 20.18 10.88 -6.72
N LEU A 297 20.26 9.82 -7.50
CA LEU A 297 19.13 9.31 -8.27
C LEU A 297 18.74 8.05 -7.50
N VAL A 298 17.47 7.92 -7.14
CA VAL A 298 17.03 6.76 -6.36
C VAL A 298 15.74 6.11 -6.86
N THR A 299 15.71 4.78 -6.78
CA THR A 299 14.53 4.02 -7.14
C THR A 299 14.54 2.87 -6.15
N MET A 300 13.37 2.48 -5.64
CA MET A 300 13.32 1.41 -4.67
C MET A 300 12.42 0.26 -5.13
N LEU A 301 12.78 -0.96 -4.71
CA LEU A 301 12.07 -2.16 -5.10
C LEU A 301 10.78 -2.50 -4.36
N SER A 302 10.70 -2.15 -3.08
CA SER A 302 9.52 -2.47 -2.27
C SER A 302 8.35 -1.52 -2.47
N ARG A 303 7.14 -2.09 -2.62
CA ARG A 303 5.94 -1.26 -2.80
C ARG A 303 5.78 -0.36 -1.57
N GLU A 304 6.17 -0.89 -0.43
CA GLU A 304 6.05 -0.20 0.86
C GLU A 304 7.01 0.96 1.10
N ASN A 305 7.96 1.15 0.19
CA ASN A 305 8.93 2.25 0.30
C ASN A 305 8.55 3.43 -0.61
N GLN A 306 7.65 3.19 -1.55
CA GLN A 306 7.28 4.20 -2.52
C GLN A 306 6.73 5.53 -2.01
N HIS A 307 5.74 5.50 -1.13
CA HIS A 307 5.20 6.74 -0.62
C HIS A 307 6.22 7.57 0.17
N GLU A 308 6.91 6.96 1.12
CA GLU A 308 7.90 7.71 1.89
C GLU A 308 9.06 8.22 1.03
N LEU A 309 9.40 7.51 -0.05
CA LEU A 309 10.46 7.97 -0.95
C LEU A 309 10.03 9.28 -1.60
N VAL A 310 8.75 9.36 -1.95
CA VAL A 310 8.20 10.58 -2.56
C VAL A 310 8.31 11.72 -1.57
N VAL A 311 7.95 11.46 -0.31
CA VAL A 311 8.03 12.49 0.72
C VAL A 311 9.47 12.94 0.93
N LEU A 312 10.41 12.02 0.82
CA LEU A 312 11.82 12.39 1.01
C LEU A 312 12.25 13.33 -0.13
N ALA A 313 11.72 13.08 -1.33
CA ALA A 313 12.03 13.94 -2.47
C ALA A 313 11.52 15.36 -2.18
N ARG A 314 10.42 15.48 -1.43
CA ARG A 314 9.89 16.79 -1.07
C ARG A 314 10.89 17.53 -0.18
N LYS A 315 11.68 16.77 0.57
CA LYS A 315 12.64 17.37 1.49
C LYS A 315 13.96 17.80 0.87
N PHE A 316 14.45 17.04 -0.10
CA PHE A 316 15.76 17.31 -0.68
C PHE A 316 15.81 17.43 -2.19
N SER A 317 16.20 18.60 -2.66
CA SER A 317 16.28 18.85 -4.09
C SER A 317 17.44 18.10 -4.75
N ASN A 318 18.40 17.62 -3.95
CA ASN A 318 19.52 16.89 -4.52
C ASN A 318 19.16 15.42 -4.69
N LEU A 319 17.87 15.12 -4.53
CA LEU A 319 17.35 13.77 -4.73
C LEU A 319 16.41 13.80 -5.92
N MET A 320 16.63 12.91 -6.87
CA MET A 320 15.76 12.80 -8.03
C MET A 320 15.32 11.36 -8.02
N ILE A 321 14.01 11.11 -7.91
CA ILE A 321 13.55 9.73 -7.90
C ILE A 321 13.16 9.37 -9.31
N PHE A 322 13.36 8.10 -9.66
CA PHE A 322 13.05 7.66 -11.00
C PHE A 322 12.46 6.27 -11.07
N GLY A 323 11.71 6.05 -12.14
CA GLY A 323 11.09 4.77 -12.45
C GLY A 323 10.28 3.95 -11.47
N CYS A 324 9.68 2.90 -12.04
CA CYS A 324 8.87 1.92 -11.32
C CYS A 324 9.67 0.66 -11.61
N TRP A 325 10.65 0.44 -10.74
CA TRP A 325 11.59 -0.65 -10.87
C TRP A 325 11.18 -2.09 -10.61
N TRP A 326 11.47 -2.93 -11.60
CA TRP A 326 11.27 -4.37 -11.48
C TRP A 326 9.88 -4.84 -11.04
N PHE A 327 9.79 -5.33 -9.81
CA PHE A 327 8.51 -5.80 -9.28
C PHE A 327 7.52 -4.66 -9.12
N MET A 328 7.98 -3.43 -9.34
CA MET A 328 7.10 -2.25 -9.27
C MET A 328 6.60 -1.94 -10.68
N ASN A 329 7.19 -2.58 -11.68
CA ASN A 329 6.85 -2.33 -13.09
C ASN A 329 5.64 -3.12 -13.57
N ASN A 330 4.53 -2.94 -12.86
CA ASN A 330 3.26 -3.60 -13.17
C ASN A 330 2.20 -2.49 -13.12
N PRO A 331 1.22 -2.50 -14.04
CA PRO A 331 0.18 -1.49 -14.10
C PRO A 331 -0.40 -1.01 -12.75
N GLU A 332 -0.80 -1.94 -11.91
CA GLU A 332 -1.37 -1.59 -10.61
C GLU A 332 -0.43 -0.70 -9.80
N ILE A 333 0.85 -1.05 -9.77
CA ILE A 333 1.84 -0.29 -9.02
C ILE A 333 2.27 1.00 -9.72
N ILE A 334 2.51 0.91 -11.03
CA ILE A 334 2.92 2.08 -11.82
C ILE A 334 1.90 3.20 -11.63
N ASN A 335 0.62 2.83 -11.66
CA ASN A 335 -0.46 3.78 -11.49
C ASN A 335 -0.42 4.46 -10.13
N GLU A 336 -0.46 3.67 -9.06
CA GLU A 336 -0.44 4.28 -7.73
C GLU A 336 0.82 5.09 -7.50
N MET A 337 1.97 4.62 -8.01
CA MET A 337 3.22 5.34 -7.82
C MET A 337 3.25 6.68 -8.55
N THR A 338 2.82 6.68 -9.80
CA THR A 338 2.83 7.90 -10.60
C THR A 338 1.87 8.94 -10.04
N ARG A 339 0.73 8.48 -9.53
CA ARG A 339 -0.24 9.40 -8.96
C ARG A 339 0.29 10.01 -7.65
N MET A 340 0.89 9.18 -6.79
CA MET A 340 1.44 9.70 -5.54
C MET A 340 2.56 10.68 -5.84
N ARG A 341 3.39 10.36 -6.83
CA ARG A 341 4.50 11.21 -7.21
C ARG A 341 4.06 12.57 -7.76
N MET A 342 3.11 12.58 -8.68
CA MET A 342 2.65 13.84 -9.25
C MET A 342 1.90 14.70 -8.25
N GLU A 343 1.11 14.06 -7.38
CA GLU A 343 0.36 14.79 -6.39
C GLU A 343 1.26 15.52 -5.38
N MET A 344 2.40 14.93 -5.05
CA MET A 344 3.32 15.55 -4.10
C MET A 344 4.56 16.21 -4.71
N LEU A 345 4.80 15.97 -5.99
CA LEU A 345 5.99 16.55 -6.62
C LEU A 345 5.73 17.30 -7.92
N GLY A 346 4.49 17.28 -8.39
CA GLY A 346 4.19 17.97 -9.65
C GLY A 346 4.89 17.21 -10.77
N THR A 347 5.76 17.89 -11.51
CA THR A 347 6.48 17.25 -12.60
C THR A 347 7.97 17.13 -12.29
N SER A 348 8.36 17.34 -11.03
CA SER A 348 9.76 17.27 -10.67
C SER A 348 10.28 15.86 -10.37
N PHE A 349 9.97 14.91 -11.25
CA PHE A 349 10.45 13.54 -11.09
C PHE A 349 10.53 12.84 -12.44
N ILE A 350 11.13 11.65 -12.45
CA ILE A 350 11.27 10.85 -13.68
C ILE A 350 10.38 9.64 -13.44
N PRO A 351 9.20 9.62 -14.06
CA PRO A 351 8.25 8.52 -13.88
C PRO A 351 8.64 7.11 -14.31
N GLN A 352 9.53 6.97 -15.28
CA GLN A 352 9.84 5.62 -15.72
C GLN A 352 11.13 5.40 -16.50
N HIS A 353 11.55 4.14 -16.51
CA HIS A 353 12.70 3.66 -17.26
C HIS A 353 12.27 2.25 -17.69
N SER A 354 12.88 1.70 -18.73
CA SER A 354 12.47 0.37 -19.21
C SER A 354 13.18 -0.81 -18.58
N ASP A 355 14.46 -0.63 -18.23
CA ASP A 355 15.25 -1.71 -17.66
C ASP A 355 15.34 -2.83 -18.70
N ALA A 356 15.17 -2.45 -19.96
CA ALA A 356 15.21 -3.42 -21.05
C ALA A 356 16.49 -4.23 -21.06
N ARG A 357 16.32 -5.55 -21.16
CA ARG A 357 17.44 -6.48 -21.23
C ARG A 357 17.51 -6.99 -22.67
N VAL A 358 16.35 -6.96 -23.33
CA VAL A 358 16.25 -7.40 -24.73
C VAL A 358 15.78 -6.19 -25.53
N LEU A 359 16.53 -5.83 -26.56
CA LEU A 359 16.24 -4.69 -27.42
C LEU A 359 14.77 -4.38 -27.71
N GLU A 360 14.03 -5.36 -28.20
CA GLU A 360 12.62 -5.13 -28.53
C GLU A 360 11.74 -4.67 -27.37
N GLN A 361 12.15 -4.99 -26.14
CA GLN A 361 11.35 -4.60 -24.97
C GLN A 361 11.05 -3.10 -24.91
N LEU A 362 11.93 -2.29 -25.46
CA LEU A 362 11.72 -0.84 -25.45
C LEU A 362 10.32 -0.53 -25.97
N ILE A 363 9.86 -1.33 -26.92
CA ILE A 363 8.53 -1.13 -27.48
C ILE A 363 7.42 -1.27 -26.44
N TYR A 364 7.32 -2.43 -25.80
CA TYR A 364 6.26 -2.64 -24.82
C TYR A 364 6.47 -1.86 -23.52
N LYS A 365 7.72 -1.83 -23.04
CA LYS A 365 8.01 -1.11 -21.80
C LYS A 365 7.46 0.31 -21.88
N TRP A 366 7.81 1.04 -22.93
CA TRP A 366 7.33 2.40 -23.09
C TRP A 366 5.87 2.52 -23.50
N HIS A 367 5.38 1.56 -24.28
CA HIS A 367 3.99 1.62 -24.69
C HIS A 367 3.08 1.39 -23.48
N HIS A 368 3.41 0.40 -22.66
CA HIS A 368 2.59 0.09 -21.48
C HIS A 368 2.62 1.21 -20.43
N SER A 369 3.78 1.83 -20.24
CA SER A 369 3.90 2.90 -19.26
C SER A 369 3.30 4.21 -19.73
N LYS A 370 3.56 4.57 -20.98
CA LYS A 370 3.04 5.82 -21.52
C LYS A 370 1.51 5.94 -21.44
N SER A 371 0.80 4.84 -21.65
CA SER A 371 -0.66 4.91 -21.58
C SER A 371 -1.12 5.23 -20.17
N ILE A 372 -0.45 4.64 -19.18
CA ILE A 372 -0.80 4.89 -17.78
C ILE A 372 -0.45 6.32 -17.40
N ILE A 373 0.77 6.76 -17.74
CA ILE A 373 1.22 8.10 -17.43
C ILE A 373 0.33 9.15 -18.09
N ALA A 374 -0.08 8.88 -19.33
CA ALA A 374 -0.96 9.80 -20.05
C ALA A 374 -2.29 9.91 -19.31
N GLU A 375 -2.81 8.79 -18.84
CA GLU A 375 -4.07 8.82 -18.12
C GLU A 375 -3.93 9.63 -16.83
N VAL A 376 -2.79 9.50 -16.14
CA VAL A 376 -2.57 10.25 -14.90
C VAL A 376 -2.52 11.75 -15.23
N LEU A 377 -1.78 12.09 -16.29
CA LEU A 377 -1.67 13.49 -16.70
C LEU A 377 -3.03 14.07 -17.03
N ILE A 378 -3.84 13.32 -17.78
CA ILE A 378 -5.17 13.79 -18.15
C ILE A 378 -5.98 14.13 -16.90
N ASP A 379 -5.92 13.25 -15.90
CA ASP A 379 -6.64 13.48 -14.65
C ASP A 379 -6.17 14.74 -13.95
N LYS A 380 -4.86 14.92 -13.83
CA LYS A 380 -4.34 16.10 -13.16
C LYS A 380 -4.57 17.39 -13.93
N TYR A 381 -4.42 17.36 -15.25
CA TYR A 381 -4.66 18.55 -16.05
C TYR A 381 -6.13 18.92 -15.93
N ASP A 382 -7.00 17.92 -16.02
CA ASP A 382 -8.43 18.15 -15.92
C ASP A 382 -8.83 18.76 -14.59
N ASP A 383 -8.17 18.34 -13.51
CA ASP A 383 -8.50 18.90 -12.20
C ASP A 383 -8.25 20.40 -12.17
N ILE A 384 -7.10 20.84 -12.70
CA ILE A 384 -6.84 22.27 -12.68
C ILE A 384 -7.68 23.01 -13.73
N LEU A 385 -8.10 22.32 -14.78
CA LEU A 385 -8.93 22.97 -15.80
C LEU A 385 -10.29 23.24 -15.13
N GLN A 386 -10.75 22.26 -14.35
CA GLN A 386 -12.02 22.40 -13.65
C GLN A 386 -11.94 23.52 -12.63
N ALA A 387 -10.71 23.87 -12.24
CA ALA A 387 -10.49 24.94 -11.28
C ALA A 387 -10.34 26.29 -12.01
N GLY A 388 -10.61 26.28 -13.30
CA GLY A 388 -10.52 27.50 -14.08
C GLY A 388 -9.19 27.79 -14.75
N TRP A 389 -8.21 26.92 -14.56
CA TRP A 389 -6.90 27.14 -15.16
C TRP A 389 -6.95 26.78 -16.65
N GLU A 390 -6.14 27.46 -17.45
CA GLU A 390 -6.09 27.19 -18.88
C GLU A 390 -4.74 26.60 -19.28
N VAL A 391 -4.76 25.35 -19.71
CA VAL A 391 -3.54 24.66 -20.11
C VAL A 391 -3.41 24.71 -21.63
N THR A 392 -2.25 25.12 -22.13
CA THR A 392 -2.03 25.18 -23.57
C THR A 392 -1.37 23.88 -24.02
N GLU A 393 -1.52 23.55 -25.30
CA GLU A 393 -0.92 22.32 -25.82
C GLU A 393 0.59 22.41 -25.69
N GLU A 394 1.13 23.62 -25.84
CA GLU A 394 2.55 23.85 -25.72
C GLU A 394 3.06 23.59 -24.30
N GLU A 395 2.25 23.95 -23.31
CA GLU A 395 2.63 23.72 -21.92
C GLU A 395 2.63 22.21 -21.66
N ILE A 396 1.67 21.53 -22.27
CA ILE A 396 1.54 20.08 -22.12
C ILE A 396 2.77 19.39 -22.71
N LYS A 397 3.13 19.76 -23.93
CA LYS A 397 4.28 19.18 -24.60
C LYS A 397 5.56 19.50 -23.81
N ARG A 398 5.55 20.63 -23.12
CA ARG A 398 6.69 21.02 -22.32
C ARG A 398 6.80 20.13 -21.07
N ASP A 399 5.68 19.97 -20.37
CA ASP A 399 5.66 19.15 -19.16
C ASP A 399 6.01 17.70 -19.51
N VAL A 400 5.43 17.21 -20.59
CA VAL A 400 5.69 15.84 -21.03
C VAL A 400 7.16 15.67 -21.36
N ALA A 401 7.76 16.69 -21.96
CA ALA A 401 9.18 16.63 -22.31
C ALA A 401 10.03 16.50 -21.05
N ASP A 402 9.67 17.24 -20.00
CA ASP A 402 10.40 17.19 -18.74
C ASP A 402 10.35 15.79 -18.15
N LEU A 403 9.15 15.24 -18.07
CA LEU A 403 8.93 13.91 -17.51
C LEU A 403 9.67 12.78 -18.23
N PHE A 404 9.62 12.80 -19.55
CA PHE A 404 10.27 11.73 -20.34
C PHE A 404 11.69 11.97 -20.81
N SER A 405 12.24 13.17 -20.60
CA SER A 405 13.59 13.41 -21.07
C SER A 405 14.38 14.54 -20.40
N ARG A 406 13.79 15.73 -20.34
CA ARG A 406 14.48 16.88 -19.77
C ARG A 406 14.87 16.81 -18.29
N ASN A 407 13.98 16.32 -17.45
CA ASN A 407 14.33 16.25 -16.03
C ASN A 407 15.61 15.46 -15.82
N PHE A 408 15.77 14.38 -16.57
CA PHE A 408 16.98 13.57 -16.41
C PHE A 408 18.24 14.36 -16.80
N TRP A 409 18.29 14.85 -18.04
CA TRP A 409 19.47 15.59 -18.50
C TRP A 409 19.73 16.83 -17.66
N ARG A 410 18.66 17.45 -17.17
CA ARG A 410 18.81 18.62 -16.34
C ARG A 410 19.50 18.22 -15.04
N PHE A 411 19.11 17.07 -14.48
CA PHE A 411 19.68 16.60 -13.23
C PHE A 411 21.15 16.19 -13.37
N VAL A 412 21.47 15.38 -14.39
CA VAL A 412 22.85 14.95 -14.56
C VAL A 412 23.73 16.14 -14.96
N GLY A 413 23.10 17.18 -15.50
CA GLY A 413 23.81 18.39 -15.88
C GLY A 413 24.96 18.24 -16.86
N ILE B 3 -13.82 -13.41 -29.64
CA ILE B 3 -14.16 -12.10 -29.02
C ILE B 3 -13.31 -11.00 -29.63
N ASN B 4 -13.95 -9.90 -30.02
CA ASN B 4 -13.24 -8.78 -30.64
C ASN B 4 -13.74 -7.42 -30.15
N SER B 5 -14.23 -7.38 -28.92
CA SER B 5 -14.74 -6.15 -28.33
C SER B 5 -14.83 -6.31 -26.82
N ARG B 6 -14.55 -5.24 -26.08
CA ARG B 6 -14.60 -5.30 -24.63
C ARG B 6 -15.98 -5.73 -24.17
N GLU B 7 -17.02 -5.11 -24.74
CA GLU B 7 -18.40 -5.44 -24.36
C GLU B 7 -18.65 -6.93 -24.54
N VAL B 8 -18.24 -7.47 -25.69
CA VAL B 8 -18.41 -8.89 -25.96
C VAL B 8 -17.59 -9.70 -24.96
N LEU B 9 -16.35 -9.27 -24.75
CA LEU B 9 -15.45 -9.94 -23.82
C LEU B 9 -16.04 -9.96 -22.41
N ALA B 10 -16.51 -8.80 -21.96
CA ALA B 10 -17.09 -8.67 -20.63
C ALA B 10 -18.21 -9.68 -20.39
N GLU B 11 -19.13 -9.79 -21.35
CA GLU B 11 -20.23 -10.73 -21.21
C GLU B 11 -19.76 -12.18 -21.13
N LYS B 12 -18.76 -12.54 -21.93
CA LYS B 12 -18.24 -13.90 -21.92
C LYS B 12 -17.43 -14.21 -20.67
N VAL B 13 -16.73 -13.20 -20.16
CA VAL B 13 -15.93 -13.37 -18.95
C VAL B 13 -16.86 -13.54 -17.74
N LYS B 14 -17.84 -12.64 -17.62
CA LYS B 14 -18.77 -12.68 -16.50
C LYS B 14 -19.59 -13.97 -16.51
N ASN B 15 -19.95 -14.44 -17.70
CA ASN B 15 -20.71 -15.68 -17.82
C ASN B 15 -19.88 -16.85 -17.37
N ALA B 16 -18.61 -16.85 -17.80
CA ALA B 16 -17.69 -17.92 -17.43
C ALA B 16 -17.45 -17.94 -15.92
N VAL B 17 -17.31 -16.74 -15.34
CA VAL B 17 -17.07 -16.65 -13.90
C VAL B 17 -18.29 -17.06 -13.09
N ASN B 18 -19.47 -16.62 -13.50
CA ASN B 18 -20.68 -16.98 -12.77
C ASN B 18 -21.03 -18.46 -12.84
N ASN B 19 -20.82 -19.08 -14.00
CA ASN B 19 -21.15 -20.47 -14.19
C ASN B 19 -20.12 -21.47 -13.65
N GLN B 20 -18.88 -21.00 -13.46
CA GLN B 20 -17.81 -21.86 -12.96
C GLN B 20 -18.02 -22.36 -11.52
N PRO B 21 -18.09 -23.69 -11.34
CA PRO B 21 -18.29 -24.26 -10.00
C PRO B 21 -17.09 -23.89 -9.15
N VAL B 22 -17.34 -23.41 -7.95
CA VAL B 22 -16.28 -22.99 -7.05
C VAL B 22 -15.86 -24.01 -6.01
N THR B 23 -14.55 -24.13 -5.80
CA THR B 23 -14.01 -25.00 -4.77
C THR B 23 -13.50 -24.01 -3.71
N ASP B 24 -14.18 -23.97 -2.57
CA ASP B 24 -13.80 -23.07 -1.48
C ASP B 24 -12.74 -23.80 -0.65
N MET B 25 -11.47 -23.51 -0.89
CA MET B 25 -10.41 -24.21 -0.18
C MET B 25 -10.15 -23.87 1.28
N HIS B 26 -10.95 -22.97 1.84
CA HIS B 26 -10.85 -22.65 3.27
C HIS B 26 -12.10 -22.01 3.82
N THR B 27 -12.76 -22.71 4.73
CA THR B 27 -13.98 -22.22 5.36
C THR B 27 -14.04 -22.78 6.77
N HIS B 28 -15.04 -22.33 7.52
CA HIS B 28 -15.27 -22.79 8.87
C HIS B 28 -16.66 -23.40 8.92
N LEU B 29 -17.02 -24.09 7.83
CA LEU B 29 -18.30 -24.76 7.72
C LEU B 29 -18.08 -26.25 7.95
N PHE B 30 -19.15 -26.97 8.27
CA PHE B 30 -19.05 -28.40 8.52
C PHE B 30 -20.14 -29.17 7.78
N SER B 31 -19.85 -30.42 7.45
CA SER B 31 -20.83 -31.27 6.77
C SER B 31 -22.07 -31.25 7.66
N PRO B 32 -23.26 -31.12 7.05
CA PRO B 32 -24.51 -31.08 7.82
C PRO B 32 -24.71 -32.20 8.82
N ASN B 33 -24.18 -33.39 8.53
CA ASN B 33 -24.34 -34.53 9.43
C ASN B 33 -23.43 -34.43 10.65
N PHE B 34 -22.64 -33.37 10.73
CA PHE B 34 -21.74 -33.19 11.86
C PHE B 34 -22.47 -32.61 13.08
N GLY B 35 -23.65 -32.03 12.83
CA GLY B 35 -24.41 -31.48 13.92
C GLY B 35 -24.56 -29.97 13.92
N GLU B 36 -24.77 -29.41 15.10
CA GLU B 36 -24.97 -27.97 15.29
C GLU B 36 -23.75 -27.10 15.00
N ILE B 37 -22.57 -27.71 14.85
CA ILE B 37 -21.38 -26.91 14.57
C ILE B 37 -21.53 -26.20 13.23
N LEU B 38 -22.48 -26.67 12.42
CA LEU B 38 -22.75 -26.04 11.14
C LEU B 38 -23.73 -24.92 11.47
N LEU B 39 -23.23 -23.68 11.43
CA LEU B 39 -24.07 -22.52 11.73
C LEU B 39 -24.74 -22.00 10.48
N TRP B 40 -26.01 -21.60 10.62
CA TRP B 40 -26.77 -21.05 9.50
C TRP B 40 -28.03 -20.32 9.97
N ASP B 41 -28.50 -19.42 9.10
CA ASP B 41 -29.69 -18.57 9.25
C ASP B 41 -29.36 -17.10 9.53
N ILE B 42 -30.34 -16.24 9.31
CA ILE B 42 -30.17 -14.80 9.49
C ILE B 42 -29.60 -14.35 10.84
N ASP B 43 -29.96 -15.06 11.91
CA ASP B 43 -29.44 -14.68 13.22
C ASP B 43 -27.95 -15.00 13.32
N GLU B 44 -27.53 -16.11 12.70
CA GLU B 44 -26.12 -16.47 12.72
C GLU B 44 -25.32 -15.49 11.88
N LEU B 45 -25.91 -15.03 10.78
CA LEU B 45 -25.24 -14.07 9.90
C LEU B 45 -25.04 -12.74 10.62
N LEU B 46 -26.09 -12.29 11.30
CA LEU B 46 -26.05 -11.02 12.03
C LEU B 46 -25.12 -11.03 13.25
N THR B 47 -24.87 -12.20 13.81
CA THR B 47 -24.00 -12.30 15.00
C THR B 47 -22.59 -12.78 14.66
N TYR B 48 -22.27 -12.76 13.38
CA TYR B 48 -20.95 -13.13 12.86
C TYR B 48 -20.01 -12.17 13.62
N HIS B 49 -18.86 -12.65 14.09
CA HIS B 49 -17.99 -11.75 14.86
C HIS B 49 -17.61 -10.46 14.15
N TYR B 50 -17.63 -10.44 12.81
CA TYR B 50 -17.31 -9.22 12.08
C TYR B 50 -18.27 -8.10 12.51
N LEU B 51 -19.55 -8.44 12.67
CA LEU B 51 -20.55 -7.47 13.06
C LEU B 51 -20.53 -7.16 14.55
N VAL B 52 -20.02 -8.09 15.35
CA VAL B 52 -19.94 -7.86 16.79
C VAL B 52 -18.96 -6.72 17.00
N ALA B 53 -17.84 -6.76 16.27
CA ALA B 53 -16.82 -5.73 16.38
C ALA B 53 -17.40 -4.38 15.91
N GLU B 54 -18.14 -4.41 14.82
CA GLU B 54 -18.72 -3.18 14.28
C GLU B 54 -19.81 -2.57 15.14
N VAL B 55 -20.68 -3.40 15.72
CA VAL B 55 -21.74 -2.86 16.56
C VAL B 55 -21.16 -2.25 17.83
N MET B 56 -20.08 -2.82 18.34
CA MET B 56 -19.48 -2.30 19.57
C MET B 56 -18.89 -0.90 19.41
N ARG B 57 -18.75 -0.44 18.18
CA ARG B 57 -18.24 0.91 17.94
C ARG B 57 -19.36 1.95 18.02
N TRP B 58 -20.61 1.46 18.03
CA TRP B 58 -21.77 2.34 18.06
C TRP B 58 -22.65 2.20 19.31
N THR B 59 -23.01 0.97 19.65
CA THR B 59 -23.89 0.70 20.78
C THR B 59 -23.42 1.09 22.18
N ASP B 60 -24.39 1.44 23.01
CA ASP B 60 -24.13 1.83 24.39
C ASP B 60 -24.17 0.59 25.28
N VAL B 61 -24.57 -0.54 24.69
CA VAL B 61 -24.65 -1.81 25.42
C VAL B 61 -23.25 -2.32 25.72
N SER B 62 -23.00 -2.68 26.99
CA SER B 62 -21.69 -3.18 27.38
C SER B 62 -21.41 -4.53 26.73
N ILE B 63 -20.13 -4.84 26.52
CA ILE B 63 -19.79 -6.10 25.89
C ILE B 63 -20.31 -7.26 26.75
N GLU B 64 -20.26 -7.10 28.07
CA GLU B 64 -20.76 -8.13 28.98
C GLU B 64 -22.27 -8.33 28.74
N ALA B 65 -23.02 -7.24 28.75
CA ALA B 65 -24.45 -7.31 28.52
C ALA B 65 -24.74 -7.96 27.17
N PHE B 66 -23.92 -7.64 26.18
CA PHE B 66 -24.11 -8.22 24.85
C PHE B 66 -24.01 -9.73 24.87
N TRP B 67 -22.95 -10.26 25.48
CA TRP B 67 -22.76 -11.70 25.54
C TRP B 67 -23.84 -12.38 26.38
N ALA B 68 -24.45 -11.63 27.29
CA ALA B 68 -25.50 -12.18 28.13
C ALA B 68 -26.82 -12.26 27.36
N MET B 69 -26.93 -11.51 26.28
CA MET B 69 -28.16 -11.51 25.48
C MET B 69 -28.28 -12.82 24.72
N SER B 70 -29.51 -13.15 24.32
CA SER B 70 -29.74 -14.37 23.56
C SER B 70 -29.33 -14.05 22.13
N LYS B 71 -29.19 -15.08 21.32
CA LYS B 71 -28.81 -14.90 19.93
C LYS B 71 -29.76 -13.94 19.21
N ARG B 72 -31.07 -14.16 19.37
CA ARG B 72 -32.04 -13.29 18.72
C ARG B 72 -31.91 -11.86 19.22
N GLU B 73 -31.65 -11.69 20.51
CA GLU B 73 -31.50 -10.35 21.07
C GLU B 73 -30.28 -9.66 20.49
N GLN B 74 -29.18 -10.40 20.38
CA GLN B 74 -27.94 -9.84 19.82
C GLN B 74 -28.20 -9.43 18.36
N ALA B 75 -28.85 -10.33 17.62
CA ALA B 75 -29.18 -10.09 16.23
C ALA B 75 -30.05 -8.84 16.11
N ASP B 76 -31.01 -8.70 17.02
CA ASP B 76 -31.90 -7.54 17.02
C ASP B 76 -31.10 -6.27 17.20
N LEU B 77 -30.21 -6.27 18.20
CA LEU B 77 -29.39 -5.10 18.47
C LEU B 77 -28.54 -4.71 17.26
N ILE B 78 -27.84 -5.69 16.71
CA ILE B 78 -26.98 -5.45 15.56
C ILE B 78 -27.78 -4.93 14.36
N TRP B 79 -28.96 -5.49 14.15
CA TRP B 79 -29.79 -5.03 13.04
C TRP B 79 -30.15 -3.57 13.24
N GLU B 80 -30.63 -3.23 14.44
CA GLU B 80 -31.03 -1.87 14.77
C GLU B 80 -29.85 -0.88 14.71
N GLU B 81 -28.73 -1.28 15.30
CA GLU B 81 -27.54 -0.43 15.34
C GLU B 81 -26.80 -0.25 14.02
N LEU B 82 -26.58 -1.34 13.29
CA LEU B 82 -25.83 -1.26 12.04
C LEU B 82 -26.63 -1.11 10.73
N PHE B 83 -27.93 -1.38 10.78
CA PHE B 83 -28.76 -1.29 9.58
C PHE B 83 -29.81 -0.18 9.60
N ILE B 84 -30.38 0.08 10.76
CA ILE B 84 -31.42 1.10 10.88
C ILE B 84 -30.89 2.47 11.30
N LYS B 85 -30.10 2.52 12.37
CA LYS B 85 -29.55 3.79 12.86
C LYS B 85 -28.48 4.39 11.95
N ARG B 86 -27.88 3.56 11.11
CA ARG B 86 -26.88 4.01 10.14
C ARG B 86 -27.04 3.08 8.95
N SER B 87 -26.72 3.57 7.75
CA SER B 87 -26.86 2.72 6.57
C SER B 87 -25.83 1.60 6.63
N PRO B 88 -26.24 0.38 6.22
CA PRO B 88 -25.37 -0.80 6.23
C PRO B 88 -24.38 -0.80 5.05
N VAL B 89 -23.49 0.17 5.03
CA VAL B 89 -22.53 0.30 3.94
C VAL B 89 -21.24 -0.52 4.07
N SER B 90 -20.92 -0.99 5.26
CA SER B 90 -19.69 -1.78 5.45
C SER B 90 -19.79 -3.09 4.66
N GLU B 91 -18.64 -3.67 4.32
CA GLU B 91 -18.61 -4.91 3.56
C GLU B 91 -19.37 -6.03 4.25
N ALA B 92 -19.16 -6.19 5.56
CA ALA B 92 -19.84 -7.25 6.30
C ALA B 92 -21.36 -7.05 6.32
N CYS B 93 -21.80 -5.80 6.45
CA CYS B 93 -23.23 -5.52 6.49
C CYS B 93 -23.84 -5.68 5.10
N ARG B 94 -23.11 -5.22 4.09
CA ARG B 94 -23.54 -5.33 2.71
C ARG B 94 -23.73 -6.81 2.40
N GLY B 95 -22.79 -7.63 2.90
CA GLY B 95 -22.84 -9.06 2.70
C GLY B 95 -24.09 -9.74 3.24
N VAL B 96 -24.56 -9.29 4.39
CA VAL B 96 -25.78 -9.86 4.97
C VAL B 96 -26.93 -9.65 4.00
N LEU B 97 -27.06 -8.42 3.49
CA LEU B 97 -28.13 -8.09 2.55
C LEU B 97 -28.02 -8.94 1.27
N THR B 98 -26.79 -9.10 0.78
CA THR B 98 -26.57 -9.89 -0.43
C THR B 98 -27.07 -11.32 -0.23
N CYS B 99 -26.89 -11.86 0.97
CA CYS B 99 -27.35 -13.22 1.26
C CYS B 99 -28.89 -13.28 1.23
N LEU B 100 -29.53 -12.34 1.91
CA LEU B 100 -30.99 -12.30 1.96
C LEU B 100 -31.57 -12.26 0.56
N GLN B 101 -31.05 -11.35 -0.26
CA GLN B 101 -31.51 -11.20 -1.62
C GLN B 101 -31.35 -12.51 -2.41
N GLY B 102 -30.18 -13.12 -2.29
CA GLY B 102 -29.93 -14.35 -3.00
C GLY B 102 -30.90 -15.46 -2.63
N LEU B 103 -31.38 -15.44 -1.40
CA LEU B 103 -32.32 -16.45 -0.91
C LEU B 103 -33.76 -16.18 -1.31
N GLY B 104 -34.00 -15.04 -1.96
CA GLY B 104 -35.35 -14.71 -2.37
C GLY B 104 -36.03 -13.74 -1.43
N LEU B 105 -35.38 -13.40 -0.32
CA LEU B 105 -35.94 -12.46 0.63
C LEU B 105 -35.69 -11.07 0.07
N ASP B 106 -36.44 -10.07 0.53
CA ASP B 106 -36.26 -8.73 0.00
C ASP B 106 -35.84 -7.70 1.04
N PRO B 107 -34.57 -7.26 0.98
CA PRO B 107 -33.99 -6.28 1.90
C PRO B 107 -34.75 -4.95 1.90
N ALA B 108 -35.45 -4.68 0.81
CA ALA B 108 -36.22 -3.45 0.71
C ALA B 108 -37.21 -3.30 1.86
N THR B 109 -37.80 -4.41 2.30
CA THR B 109 -38.78 -4.38 3.38
C THR B 109 -38.17 -4.23 4.76
N ARG B 110 -36.93 -4.68 4.92
CA ARG B 110 -36.25 -4.61 6.20
C ARG B 110 -37.06 -5.38 7.24
N ASP B 111 -37.78 -6.41 6.78
CA ASP B 111 -38.61 -7.19 7.69
C ASP B 111 -37.87 -8.39 8.27
N LEU B 112 -37.10 -8.13 9.31
CA LEU B 112 -36.32 -9.16 9.98
C LEU B 112 -37.17 -10.35 10.41
N GLN B 113 -38.36 -10.06 10.95
CA GLN B 113 -39.26 -11.14 11.39
C GLN B 113 -39.59 -12.10 10.27
N VAL B 114 -39.91 -11.55 9.10
CA VAL B 114 -40.26 -12.38 7.95
C VAL B 114 -39.03 -13.15 7.48
N TYR B 115 -37.85 -12.53 7.52
CA TYR B 115 -36.65 -13.21 7.08
C TYR B 115 -36.44 -14.45 7.94
N ARG B 116 -36.64 -14.30 9.24
CA ARG B 116 -36.47 -15.39 10.17
C ARG B 116 -37.41 -16.57 9.91
N GLU B 117 -38.63 -16.26 9.49
CA GLU B 117 -39.62 -17.29 9.21
C GLU B 117 -39.14 -18.23 8.10
N TYR B 118 -38.33 -17.69 7.20
CA TYR B 118 -37.79 -18.46 6.09
C TYR B 118 -36.94 -19.65 6.54
N PHE B 119 -36.01 -19.39 7.45
CA PHE B 119 -35.10 -20.43 7.95
C PHE B 119 -35.74 -21.45 8.88
N ALA B 120 -36.74 -21.02 9.65
CA ALA B 120 -37.41 -21.89 10.60
C ALA B 120 -38.14 -23.05 9.93
N LYS B 121 -38.49 -22.87 8.67
CA LYS B 121 -39.22 -23.90 7.93
C LYS B 121 -38.30 -24.74 7.05
N LYS B 122 -37.05 -24.90 7.48
CA LYS B 122 -36.09 -25.64 6.68
C LYS B 122 -35.11 -26.43 7.55
N THR B 123 -34.52 -27.49 6.99
CA THR B 123 -33.55 -28.29 7.73
C THR B 123 -32.17 -27.86 7.26
N SER B 124 -31.14 -28.24 8.00
CA SER B 124 -29.78 -27.88 7.64
C SER B 124 -29.36 -28.45 6.29
N GLU B 125 -29.66 -29.73 6.04
CA GLU B 125 -29.29 -30.33 4.76
C GLU B 125 -29.98 -29.62 3.60
N GLU B 126 -31.23 -29.23 3.81
CA GLU B 126 -31.97 -28.52 2.78
C GLU B 126 -31.30 -27.20 2.44
N GLN B 127 -30.97 -26.43 3.49
CA GLN B 127 -30.31 -25.14 3.29
C GLN B 127 -28.95 -25.31 2.59
N VAL B 128 -28.23 -26.38 2.95
CA VAL B 128 -26.94 -26.65 2.34
C VAL B 128 -27.08 -26.79 0.83
N ASP B 129 -28.09 -27.55 0.39
CA ASP B 129 -28.32 -27.74 -1.04
C ASP B 129 -28.70 -26.41 -1.67
N THR B 130 -29.54 -25.65 -0.97
CA THR B 130 -30.00 -24.35 -1.45
C THR B 130 -28.82 -23.39 -1.63
N VAL B 131 -28.07 -23.18 -0.56
CA VAL B 131 -26.93 -22.26 -0.58
C VAL B 131 -25.83 -22.68 -1.56
N LEU B 132 -25.41 -23.94 -1.50
CA LEU B 132 -24.35 -24.41 -2.40
C LEU B 132 -24.78 -24.20 -3.85
N GLN B 133 -26.08 -24.32 -4.11
CA GLN B 133 -26.61 -24.13 -5.46
C GLN B 133 -26.51 -22.66 -5.86
N LEU B 134 -27.01 -21.79 -4.98
CA LEU B 134 -27.01 -20.35 -5.25
C LEU B 134 -25.59 -19.79 -5.40
N ALA B 135 -24.69 -20.23 -4.52
CA ALA B 135 -23.31 -19.75 -4.56
C ALA B 135 -22.49 -20.50 -5.62
N ASN B 136 -23.10 -21.52 -6.21
CA ASN B 136 -22.43 -22.32 -7.24
C ASN B 136 -21.10 -22.86 -6.72
N VAL B 137 -21.12 -23.36 -5.48
CA VAL B 137 -19.93 -23.93 -4.86
C VAL B 137 -20.06 -25.45 -4.92
N SER B 138 -19.11 -26.08 -5.60
CA SER B 138 -19.12 -27.54 -5.75
C SER B 138 -18.42 -28.26 -4.61
N ASP B 139 -17.37 -27.66 -4.07
CA ASP B 139 -16.61 -28.29 -3.00
C ASP B 139 -16.23 -27.31 -1.89
N VAL B 140 -16.35 -27.78 -0.65
CA VAL B 140 -16.03 -26.96 0.52
C VAL B 140 -14.97 -27.62 1.37
N VAL B 141 -13.89 -26.90 1.65
CA VAL B 141 -12.84 -27.42 2.51
C VAL B 141 -13.16 -26.89 3.89
N MET B 142 -13.20 -27.80 4.87
CA MET B 142 -13.50 -27.42 6.25
C MET B 142 -12.22 -27.14 7.02
N THR B 143 -12.40 -26.74 8.27
CA THR B 143 -11.30 -26.50 9.19
C THR B 143 -11.63 -27.47 10.31
N ASN B 144 -10.90 -28.58 10.36
CA ASN B 144 -11.17 -29.59 11.38
C ASN B 144 -10.07 -29.65 12.43
N ASP B 145 -10.47 -29.32 13.65
CA ASP B 145 -9.56 -29.28 14.79
C ASP B 145 -9.75 -30.45 15.76
N PRO B 146 -8.86 -31.45 15.69
CA PRO B 146 -8.86 -32.64 16.53
C PRO B 146 -8.55 -32.38 18.00
N PHE B 147 -8.41 -31.11 18.35
CA PHE B 147 -8.13 -30.71 19.72
C PHE B 147 -9.39 -30.19 20.38
N ASP B 148 -10.47 -30.16 19.62
CA ASP B 148 -11.76 -29.71 20.14
C ASP B 148 -12.62 -30.93 20.43
N ASP B 149 -13.04 -31.07 21.68
CA ASP B 149 -13.87 -32.21 22.10
C ASP B 149 -15.07 -32.48 21.19
N ASN B 150 -15.83 -31.45 20.88
CA ASN B 150 -17.00 -31.59 20.03
C ASN B 150 -16.68 -32.13 18.65
N GLU B 151 -15.73 -31.51 17.96
CA GLU B 151 -15.36 -31.97 16.62
C GLU B 151 -14.74 -33.35 16.68
N ARG B 152 -14.04 -33.63 17.78
CA ARG B 152 -13.37 -34.91 17.97
C ARG B 152 -14.37 -36.06 17.93
N ILE B 153 -15.58 -35.80 18.43
CA ILE B 153 -16.64 -36.80 18.45
C ILE B 153 -16.88 -37.39 17.07
N SER B 154 -17.32 -36.53 16.16
CA SER B 154 -17.61 -36.91 14.79
C SER B 154 -16.57 -37.87 14.17
N TRP B 155 -15.30 -37.49 14.25
CA TRP B 155 -14.22 -38.29 13.68
C TRP B 155 -13.95 -39.61 14.38
N LEU B 156 -14.02 -39.61 15.71
CA LEU B 156 -13.78 -40.83 16.46
C LEU B 156 -14.92 -41.83 16.29
N GLU B 157 -16.11 -41.32 16.00
CA GLU B 157 -17.29 -42.17 15.79
C GLU B 157 -17.31 -42.73 14.38
N GLY B 158 -16.29 -42.39 13.60
CA GLY B 158 -16.20 -42.88 12.22
C GLY B 158 -17.16 -42.21 11.26
N LYS B 159 -17.83 -41.15 11.71
CA LYS B 159 -18.77 -40.44 10.85
C LYS B 159 -18.05 -39.74 9.71
N GLN B 160 -18.45 -40.07 8.48
CA GLN B 160 -17.85 -39.47 7.29
C GLN B 160 -18.65 -38.24 6.88
N PRO B 161 -17.96 -37.21 6.36
CA PRO B 161 -18.65 -36.00 5.95
C PRO B 161 -19.24 -36.12 4.54
N ASP B 162 -20.22 -35.28 4.25
CA ASP B 162 -20.87 -35.23 2.96
C ASP B 162 -19.75 -35.16 1.91
N SER B 163 -19.92 -35.86 0.79
CA SER B 163 -18.90 -35.89 -0.26
C SER B 163 -18.52 -34.51 -0.81
N ARG B 164 -19.33 -33.51 -0.51
CA ARG B 164 -19.08 -32.15 -0.98
C ARG B 164 -18.16 -31.39 -0.03
N PHE B 165 -17.94 -31.95 1.16
CA PHE B 165 -17.09 -31.33 2.17
C PHE B 165 -15.78 -32.09 2.32
N HIS B 166 -14.68 -31.37 2.37
CA HIS B 166 -13.37 -31.99 2.53
C HIS B 166 -12.72 -31.50 3.83
N ALA B 167 -11.97 -32.39 4.46
CA ALA B 167 -11.31 -32.05 5.72
C ALA B 167 -9.94 -31.43 5.52
N ALA B 168 -9.55 -30.61 6.50
CA ALA B 168 -8.25 -29.96 6.53
C ALA B 168 -7.84 -30.05 7.99
N LEU B 169 -6.71 -30.70 8.25
CA LEU B 169 -6.22 -30.88 9.61
C LEU B 169 -5.60 -29.60 10.21
N ARG B 170 -6.38 -28.95 11.08
CA ARG B 170 -5.96 -27.71 11.75
C ARG B 170 -5.12 -28.04 12.98
N LEU B 171 -3.93 -27.44 13.07
CA LEU B 171 -3.01 -27.74 14.17
C LEU B 171 -2.57 -26.62 15.10
N ASP B 172 -3.32 -25.52 15.17
CA ASP B 172 -2.93 -24.40 16.03
C ASP B 172 -2.55 -24.79 17.46
N PRO B 173 -3.39 -25.59 18.14
CA PRO B 173 -3.09 -26.01 19.51
C PRO B 173 -1.74 -26.72 19.66
N LEU B 174 -1.42 -27.55 18.68
CA LEU B 174 -0.17 -28.31 18.70
C LEU B 174 1.08 -27.45 18.48
N LEU B 175 1.04 -26.62 17.45
CA LEU B 175 2.17 -25.76 17.11
C LEU B 175 2.32 -24.51 17.96
N ASN B 176 1.20 -23.88 18.31
CA ASN B 176 1.22 -22.65 19.10
C ASN B 176 1.00 -22.80 20.61
N GLU B 177 0.49 -23.95 21.05
CA GLU B 177 0.24 -24.16 22.47
C GLU B 177 0.71 -25.52 22.96
N TYR B 178 1.85 -25.97 22.45
CA TYR B 178 2.38 -27.28 22.82
C TYR B 178 2.45 -27.51 24.33
N GLU B 179 2.94 -26.51 25.06
CA GLU B 179 3.09 -26.60 26.51
C GLU B 179 1.81 -27.06 27.22
N GLN B 180 0.66 -26.61 26.72
CA GLN B 180 -0.61 -27.00 27.33
C GLN B 180 -1.26 -28.17 26.60
N THR B 181 -0.91 -28.36 25.32
CA THR B 181 -1.47 -29.44 24.53
C THR B 181 -0.84 -30.79 24.80
N LYS B 182 0.43 -30.80 25.20
CA LYS B 182 1.12 -32.05 25.46
C LYS B 182 0.42 -32.89 26.52
N HIS B 183 -0.26 -32.23 27.44
CA HIS B 183 -0.97 -32.95 28.50
C HIS B 183 -2.12 -33.76 27.92
N ARG B 184 -2.70 -33.27 26.83
CA ARG B 184 -3.82 -33.95 26.20
C ARG B 184 -3.32 -35.04 25.27
N LEU B 185 -2.17 -34.82 24.65
CA LEU B 185 -1.59 -35.81 23.75
C LEU B 185 -1.32 -37.07 24.56
N ARG B 186 -0.84 -36.88 25.79
CA ARG B 186 -0.53 -38.00 26.67
C ARG B 186 -1.81 -38.75 27.01
N ASP B 187 -2.85 -38.00 27.36
CA ASP B 187 -4.14 -38.57 27.70
C ASP B 187 -4.76 -39.31 26.52
N TRP B 188 -4.25 -39.04 25.32
CA TRP B 188 -4.78 -39.70 24.13
C TRP B 188 -3.91 -40.87 23.67
N GLY B 189 -2.88 -41.19 24.45
CA GLY B 189 -2.01 -42.30 24.10
C GLY B 189 -0.67 -41.91 23.48
N TYR B 190 -0.50 -40.63 23.19
CA TYR B 190 0.74 -40.15 22.60
C TYR B 190 1.68 -39.74 23.71
N LYS B 191 2.58 -40.65 24.04
CA LYS B 191 3.55 -40.45 25.12
C LYS B 191 4.68 -39.47 24.83
N VAL B 192 4.35 -38.18 24.80
CA VAL B 192 5.37 -37.18 24.57
C VAL B 192 5.95 -36.87 25.95
N ASN B 193 7.25 -36.63 25.98
CA ASN B 193 7.95 -36.33 27.23
C ASN B 193 7.93 -34.82 27.44
N ASP B 194 8.53 -34.35 28.52
CA ASP B 194 8.59 -32.92 28.77
C ASP B 194 9.82 -32.35 28.10
N GLU B 195 10.55 -33.22 27.41
CA GLU B 195 11.75 -32.81 26.70
C GLU B 195 11.53 -33.16 25.23
N TRP B 196 12.36 -32.59 24.35
CA TRP B 196 12.23 -32.86 22.94
C TRP B 196 13.21 -33.95 22.51
N ASN B 197 12.95 -35.17 22.97
CA ASN B 197 13.79 -36.31 22.65
C ASN B 197 13.16 -37.09 21.50
N GLU B 198 13.85 -38.13 21.04
CA GLU B 198 13.36 -38.94 19.94
C GLU B 198 11.96 -39.48 20.20
N GLY B 199 11.70 -39.88 21.45
CA GLY B 199 10.40 -40.41 21.79
C GLY B 199 9.28 -39.42 21.51
N SER B 200 9.45 -38.18 21.98
CA SER B 200 8.44 -37.15 21.77
C SER B 200 8.25 -36.87 20.29
N ILE B 201 9.36 -36.75 19.57
CA ILE B 201 9.33 -36.48 18.14
C ILE B 201 8.50 -37.54 17.42
N GLN B 202 8.79 -38.80 17.72
CA GLN B 202 8.09 -39.91 17.10
C GLN B 202 6.60 -39.92 17.41
N GLU B 203 6.24 -39.66 18.66
CA GLU B 203 4.83 -39.66 19.04
C GLU B 203 4.02 -38.56 18.37
N VAL B 204 4.62 -37.38 18.21
CA VAL B 204 3.91 -36.29 17.55
C VAL B 204 3.66 -36.68 16.09
N LYS B 205 4.67 -37.28 15.46
CA LYS B 205 4.53 -37.75 14.08
C LYS B 205 3.37 -38.75 14.02
N ARG B 206 3.32 -39.65 14.99
CA ARG B 206 2.27 -40.67 15.06
C ARG B 206 0.90 -39.99 15.15
N PHE B 207 0.81 -38.96 15.97
CA PHE B 207 -0.43 -38.21 16.12
C PHE B 207 -0.86 -37.68 14.76
N LEU B 208 0.07 -36.97 14.09
CA LEU B 208 -0.22 -36.40 12.78
C LEU B 208 -0.61 -37.50 11.79
N THR B 209 0.20 -38.55 11.75
CA THR B 209 -0.06 -39.66 10.84
C THR B 209 -1.43 -40.27 11.09
N ASP B 210 -1.75 -40.53 12.35
CA ASP B 210 -3.05 -41.11 12.68
C ASP B 210 -4.21 -40.23 12.20
N TRP B 211 -4.11 -38.93 12.47
CA TRP B 211 -5.18 -38.02 12.05
C TRP B 211 -5.27 -37.79 10.56
N ILE B 212 -4.16 -38.02 9.85
CA ILE B 212 -4.16 -37.88 8.41
C ILE B 212 -4.95 -39.09 7.88
N GLU B 213 -4.80 -40.22 8.57
CA GLU B 213 -5.51 -41.43 8.18
C GLU B 213 -7.00 -41.30 8.44
N ARG B 214 -7.35 -40.80 9.62
CA ARG B 214 -8.75 -40.64 9.99
C ARG B 214 -9.47 -39.57 9.17
N MET B 215 -8.78 -38.46 8.89
CA MET B 215 -9.37 -37.36 8.14
C MET B 215 -9.14 -37.35 6.64
N ASP B 216 -7.98 -37.85 6.20
CA ASP B 216 -7.63 -37.82 4.78
C ASP B 216 -7.81 -36.37 4.35
N PRO B 217 -7.10 -35.44 5.01
CA PRO B 217 -7.16 -34.00 4.74
C PRO B 217 -6.50 -33.59 3.44
N VAL B 218 -6.97 -32.52 2.84
CA VAL B 218 -6.39 -32.02 1.62
C VAL B 218 -5.09 -31.29 1.96
N TYR B 219 -4.95 -30.89 3.22
CA TYR B 219 -3.74 -30.23 3.70
C TYR B 219 -3.79 -30.02 5.22
N MET B 220 -2.63 -29.78 5.82
CA MET B 220 -2.56 -29.51 7.25
C MET B 220 -2.40 -27.99 7.34
N ALA B 221 -3.00 -27.37 8.35
CA ALA B 221 -2.93 -25.92 8.45
C ALA B 221 -2.69 -25.37 9.85
N VAL B 222 -2.27 -24.11 9.88
CA VAL B 222 -2.00 -23.40 11.14
C VAL B 222 -2.07 -21.89 10.86
N SER B 223 -2.52 -21.12 11.84
CA SER B 223 -2.55 -19.68 11.70
C SER B 223 -1.39 -19.23 12.59
N LEU B 224 -0.62 -18.28 12.10
CA LEU B 224 0.57 -17.80 12.81
C LEU B 224 0.59 -16.30 13.05
N PRO B 225 1.33 -15.85 14.08
CA PRO B 225 1.44 -14.43 14.44
C PRO B 225 2.41 -13.67 13.53
N PRO B 226 2.35 -12.33 13.57
CA PRO B 226 3.23 -11.48 12.76
C PRO B 226 4.70 -11.77 13.05
N THR B 227 4.97 -12.27 14.27
CA THR B 227 6.33 -12.57 14.69
C THR B 227 6.83 -13.96 14.27
N PHE B 228 6.06 -14.67 13.44
CA PHE B 228 6.47 -15.99 13.00
C PHE B 228 7.87 -16.00 12.39
N SER B 229 8.69 -16.93 12.87
CA SER B 229 10.05 -17.08 12.38
C SER B 229 10.36 -18.57 12.22
N PHE B 230 11.27 -18.88 11.32
CA PHE B 230 11.71 -20.25 11.09
C PHE B 230 13.02 -20.21 10.31
N PRO B 231 14.02 -20.99 10.75
CA PRO B 231 14.01 -21.92 11.89
C PRO B 231 13.85 -21.18 13.22
N GLU B 232 13.44 -21.91 14.24
CA GLU B 232 13.28 -21.31 15.57
C GLU B 232 13.38 -22.34 16.67
N GLU B 233 14.14 -22.03 17.70
CA GLU B 233 14.30 -22.95 18.83
C GLU B 233 13.15 -22.76 19.81
N SER B 234 11.98 -23.23 19.41
CA SER B 234 10.78 -23.14 20.23
C SER B 234 10.02 -24.42 19.92
N ASN B 235 8.94 -24.68 20.66
CA ASN B 235 8.17 -25.88 20.40
C ASN B 235 7.66 -25.85 18.96
N ARG B 236 7.11 -24.72 18.53
CA ARG B 236 6.62 -24.62 17.17
C ARG B 236 7.70 -24.87 16.13
N GLY B 237 8.88 -24.28 16.34
CA GLY B 237 9.97 -24.45 15.40
C GLY B 237 10.45 -25.89 15.31
N ARG B 238 10.55 -26.55 16.46
CA ARG B 238 10.99 -27.93 16.49
C ARG B 238 9.93 -28.89 15.93
N ILE B 239 8.67 -28.64 16.25
CA ILE B 239 7.60 -29.50 15.76
C ILE B 239 7.51 -29.42 14.22
N ILE B 240 7.59 -28.22 13.68
CA ILE B 240 7.53 -28.06 12.23
C ILE B 240 8.70 -28.77 11.55
N ARG B 241 9.90 -28.55 12.06
CA ARG B 241 11.09 -29.16 11.51
C ARG B 241 11.15 -30.69 11.65
N ASP B 242 11.04 -31.17 12.89
CA ASP B 242 11.14 -32.60 13.17
C ASP B 242 9.93 -33.47 12.91
N CYS B 243 8.74 -32.89 12.86
CA CYS B 243 7.54 -33.70 12.67
C CYS B 243 6.65 -33.37 11.49
N LEU B 244 6.12 -32.16 11.46
CA LEU B 244 5.20 -31.75 10.41
C LEU B 244 5.75 -31.81 8.99
N LEU B 245 6.92 -31.20 8.75
CA LEU B 245 7.48 -31.21 7.40
C LEU B 245 7.79 -32.63 6.89
N PRO B 246 8.44 -33.47 7.72
CA PRO B 246 8.75 -34.84 7.29
C PRO B 246 7.50 -35.64 6.92
N VAL B 247 6.48 -35.55 7.77
CA VAL B 247 5.23 -36.25 7.56
C VAL B 247 4.50 -35.70 6.34
N ALA B 248 4.51 -34.38 6.20
CA ALA B 248 3.86 -33.74 5.07
C ALA B 248 4.48 -34.20 3.76
N GLU B 249 5.81 -34.31 3.76
CA GLU B 249 6.52 -34.74 2.56
C GLU B 249 6.24 -36.20 2.24
N LYS B 250 6.21 -37.04 3.27
CA LYS B 250 5.96 -38.47 3.09
C LYS B 250 4.57 -38.74 2.51
N HIS B 251 3.57 -37.98 2.97
CA HIS B 251 2.21 -38.14 2.47
C HIS B 251 1.89 -37.18 1.33
N ASN B 252 2.89 -36.39 0.95
CA ASN B 252 2.74 -35.42 -0.12
C ASN B 252 1.51 -34.52 0.06
N ILE B 253 1.30 -34.06 1.29
CA ILE B 253 0.18 -33.17 1.58
C ILE B 253 0.70 -31.78 1.90
N PRO B 254 0.08 -30.74 1.32
CA PRO B 254 0.50 -29.35 1.54
C PRO B 254 0.41 -28.89 2.98
N PHE B 255 1.18 -27.85 3.31
CA PHE B 255 1.18 -27.26 4.63
C PHE B 255 0.65 -25.83 4.40
N ALA B 256 -0.52 -25.54 4.95
CA ALA B 256 -1.11 -24.22 4.79
C ALA B 256 -0.76 -23.33 5.98
N MET B 257 -0.21 -22.15 5.68
CA MET B 257 0.17 -21.19 6.72
C MET B 257 -0.59 -19.89 6.50
N MET B 258 -1.35 -19.46 7.50
CA MET B 258 -2.11 -18.21 7.42
C MET B 258 -1.42 -17.34 8.46
N ILE B 259 -0.53 -16.50 7.95
CA ILE B 259 0.32 -15.63 8.74
C ILE B 259 -0.09 -14.19 8.96
N GLY B 260 0.05 -13.70 10.19
CA GLY B 260 -0.26 -12.31 10.48
C GLY B 260 -1.27 -11.98 11.55
N VAL B 261 -1.90 -12.99 12.15
CA VAL B 261 -2.90 -12.72 13.16
C VAL B 261 -2.34 -12.58 14.57
N LYS B 262 -2.72 -11.49 15.24
CA LYS B 262 -2.29 -11.25 16.62
C LYS B 262 -3.53 -11.55 17.45
N LYS B 263 -3.57 -12.75 18.03
CA LYS B 263 -4.71 -13.20 18.80
C LYS B 263 -5.05 -12.45 20.09
N ARG B 264 -6.35 -12.27 20.28
CA ARG B 264 -6.90 -11.64 21.48
C ARG B 264 -6.29 -10.34 21.98
N VAL B 265 -6.20 -9.31 21.15
CA VAL B 265 -5.67 -8.05 21.64
C VAL B 265 -6.76 -7.40 22.48
N HIS B 266 -8.00 -7.88 22.31
CA HIS B 266 -9.14 -7.42 23.08
C HIS B 266 -9.91 -8.68 23.47
N PRO B 267 -9.46 -9.35 24.56
CA PRO B 267 -10.05 -10.59 25.08
C PRO B 267 -11.58 -10.64 25.19
N ALA B 268 -12.16 -9.60 25.77
CA ALA B 268 -13.60 -9.54 25.97
C ALA B 268 -14.43 -9.68 24.68
N LEU B 269 -13.82 -9.37 23.54
CA LEU B 269 -14.53 -9.47 22.27
C LEU B 269 -14.56 -10.88 21.69
N GLY B 270 -13.88 -11.82 22.33
CA GLY B 270 -13.86 -13.18 21.83
C GLY B 270 -13.29 -13.30 20.43
N ASP B 271 -14.01 -13.98 19.55
CA ASP B 271 -13.55 -14.17 18.17
C ASP B 271 -13.38 -12.85 17.42
N ALA B 272 -13.95 -11.78 17.97
CA ALA B 272 -13.86 -10.47 17.34
C ALA B 272 -12.72 -9.62 17.89
N GLY B 273 -11.91 -10.21 18.77
CA GLY B 273 -10.82 -9.45 19.37
C GLY B 273 -9.43 -9.68 18.84
N ASP B 274 -9.31 -10.21 17.62
CA ASP B 274 -7.99 -10.46 17.03
C ASP B 274 -7.53 -9.29 16.16
N PHE B 275 -6.22 -9.03 16.16
CA PHE B 275 -5.65 -7.90 15.42
C PHE B 275 -4.69 -8.42 14.32
N VAL B 276 -3.99 -7.51 13.66
CA VAL B 276 -3.07 -7.87 12.59
C VAL B 276 -1.70 -7.19 12.71
N GLY B 277 -0.71 -7.77 12.04
CA GLY B 277 0.63 -7.22 12.05
C GLY B 277 1.39 -7.72 10.83
N LYS B 278 2.33 -6.91 10.34
CA LYS B 278 3.16 -7.29 9.20
C LYS B 278 4.18 -8.32 9.67
N ALA B 279 4.41 -9.36 8.88
CA ALA B 279 5.39 -10.37 9.27
C ALA B 279 6.63 -10.29 8.41
N SER B 280 7.71 -10.92 8.86
CA SER B 280 8.93 -10.95 8.06
C SER B 280 8.68 -12.08 7.06
N MET B 281 9.26 -11.98 5.87
CA MET B 281 9.09 -13.04 4.87
C MET B 281 10.19 -14.09 5.02
N ASP B 282 11.14 -13.86 5.92
CA ASP B 282 12.28 -14.75 6.12
C ASP B 282 11.95 -16.22 6.39
N GLY B 283 11.02 -16.46 7.31
CA GLY B 283 10.65 -17.83 7.65
C GLY B 283 10.00 -18.55 6.49
N VAL B 284 9.15 -17.85 5.77
CA VAL B 284 8.47 -18.44 4.63
C VAL B 284 9.49 -18.71 3.53
N GLU B 285 10.37 -17.75 3.28
CA GLU B 285 11.42 -17.87 2.28
C GLU B 285 12.32 -19.08 2.58
N HIS B 286 12.66 -19.25 3.85
CA HIS B 286 13.51 -20.36 4.27
C HIS B 286 12.85 -21.71 4.00
N LEU B 287 11.59 -21.83 4.41
CA LEU B 287 10.83 -23.06 4.23
C LEU B 287 10.72 -23.45 2.76
N LEU B 288 10.42 -22.46 1.91
CA LEU B 288 10.29 -22.72 0.48
C LEU B 288 11.59 -23.22 -0.13
N ARG B 289 12.69 -22.52 0.15
CA ARG B 289 13.99 -22.88 -0.40
C ARG B 289 14.61 -24.17 0.15
N GLU B 290 14.56 -24.34 1.48
CA GLU B 290 15.16 -25.50 2.12
C GLU B 290 14.33 -26.80 2.13
N TYR B 291 13.06 -26.71 1.78
CA TYR B 291 12.19 -27.90 1.74
C TYR B 291 11.48 -27.95 0.39
N PRO B 292 12.24 -28.11 -0.70
CA PRO B 292 11.70 -28.18 -2.05
C PRO B 292 10.72 -29.33 -2.30
N ASN B 293 10.77 -30.35 -1.44
CA ASN B 293 9.89 -31.51 -1.57
C ASN B 293 8.57 -31.36 -0.81
N ASN B 294 8.41 -30.21 -0.16
CA ASN B 294 7.19 -29.93 0.58
C ASN B 294 6.41 -28.87 -0.18
N LYS B 295 5.09 -28.91 -0.06
CA LYS B 295 4.24 -27.93 -0.73
C LYS B 295 3.69 -26.99 0.33
N PHE B 296 3.59 -25.71 -0.01
CA PHE B 296 3.11 -24.72 0.93
C PHE B 296 1.99 -23.83 0.38
N LEU B 297 0.92 -23.72 1.14
CA LEU B 297 -0.20 -22.86 0.76
C LEU B 297 -0.09 -21.69 1.74
N VAL B 298 -0.05 -20.46 1.22
CA VAL B 298 0.08 -19.32 2.11
C VAL B 298 -0.83 -18.14 1.79
N THR B 299 -1.32 -17.52 2.85
CA THR B 299 -2.16 -16.34 2.75
C THR B 299 -1.72 -15.50 3.94
N MET B 300 -1.59 -14.19 3.75
CA MET B 300 -1.14 -13.33 4.85
C MET B 300 -2.18 -12.27 5.18
N LEU B 301 -2.20 -11.88 6.45
CA LEU B 301 -3.20 -10.93 6.94
C LEU B 301 -2.94 -9.44 6.72
N SER B 302 -1.67 -9.05 6.72
CA SER B 302 -1.28 -7.66 6.55
C SER B 302 -1.31 -7.17 5.12
N ARG B 303 -1.84 -5.97 4.90
CA ARG B 303 -1.88 -5.38 3.56
C ARG B 303 -0.46 -5.21 3.04
N GLU B 304 0.44 -4.86 3.94
CA GLU B 304 1.84 -4.59 3.61
C GLU B 304 2.69 -5.82 3.30
N ASN B 305 2.11 -7.02 3.42
CA ASN B 305 2.84 -8.26 3.11
C ASN B 305 2.44 -8.78 1.71
N GLN B 306 1.31 -8.29 1.19
CA GLN B 306 0.79 -8.79 -0.08
C GLN B 306 1.68 -8.74 -1.32
N HIS B 307 2.24 -7.58 -1.62
CA HIS B 307 3.10 -7.48 -2.79
C HIS B 307 4.33 -8.38 -2.70
N GLU B 308 5.04 -8.35 -1.58
CA GLU B 308 6.22 -9.20 -1.44
C GLU B 308 5.87 -10.68 -1.45
N LEU B 309 4.66 -11.02 -1.04
CA LEU B 309 4.23 -12.42 -1.06
C LEU B 309 4.13 -12.84 -2.52
N VAL B 310 3.62 -11.96 -3.37
CA VAL B 310 3.49 -12.26 -4.78
C VAL B 310 4.89 -12.49 -5.37
N VAL B 311 5.83 -11.61 -5.06
CA VAL B 311 7.18 -11.76 -5.57
C VAL B 311 7.77 -13.09 -5.10
N LEU B 312 7.49 -13.48 -3.87
CA LEU B 312 8.02 -14.74 -3.35
C LEU B 312 7.47 -15.92 -4.16
N ALA B 313 6.20 -15.83 -4.55
CA ALA B 313 5.59 -16.89 -5.35
C ALA B 313 6.29 -17.00 -6.71
N ARG B 314 6.83 -15.89 -7.19
CA ARG B 314 7.55 -15.89 -8.46
C ARG B 314 8.86 -16.67 -8.33
N LYS B 315 9.39 -16.74 -7.11
CA LYS B 315 10.64 -17.44 -6.85
C LYS B 315 10.50 -18.93 -6.61
N PHE B 316 9.42 -19.34 -5.98
CA PHE B 316 9.22 -20.74 -5.63
C PHE B 316 7.93 -21.37 -6.10
N SER B 317 8.07 -22.41 -6.93
CA SER B 317 6.93 -23.11 -7.47
C SER B 317 6.24 -23.98 -6.41
N ASN B 318 6.93 -24.23 -5.29
CA ASN B 318 6.32 -25.04 -4.25
C ASN B 318 5.51 -24.14 -3.30
N LEU B 319 5.28 -22.92 -3.74
CA LEU B 319 4.48 -21.96 -2.99
C LEU B 319 3.24 -21.64 -3.81
N MET B 320 2.07 -21.80 -3.19
CA MET B 320 0.81 -21.47 -3.85
C MET B 320 0.13 -20.49 -2.90
N ILE B 321 -0.04 -19.25 -3.35
CA ILE B 321 -0.69 -18.26 -2.50
C ILE B 321 -2.18 -18.33 -2.76
N PHE B 322 -2.97 -18.05 -1.73
CA PHE B 322 -4.41 -18.11 -1.87
C PHE B 322 -5.17 -17.08 -1.06
N GLY B 323 -6.31 -16.69 -1.61
CA GLY B 323 -7.24 -15.76 -1.00
C GLY B 323 -6.84 -14.38 -0.54
N CYS B 324 -7.87 -13.67 -0.10
CA CYS B 324 -7.77 -12.31 0.45
C CYS B 324 -8.39 -12.54 1.83
N TRP B 325 -7.53 -12.92 2.75
CA TRP B 325 -7.90 -13.27 4.11
C TRP B 325 -8.33 -12.21 5.11
N TRP B 326 -9.51 -12.42 5.69
CA TRP B 326 -10.02 -11.58 6.78
C TRP B 326 -10.06 -10.07 6.52
N PHE B 327 -9.12 -9.36 7.14
CA PHE B 327 -9.04 -7.92 7.00
C PHE B 327 -8.63 -7.50 5.59
N MET B 328 -8.27 -8.50 4.77
CA MET B 328 -7.90 -8.27 3.37
C MET B 328 -9.14 -8.51 2.50
N ASN B 329 -10.15 -9.16 3.08
CA ASN B 329 -11.37 -9.49 2.33
C ASN B 329 -12.36 -8.33 2.18
N ASN B 330 -11.86 -7.23 1.63
CA ASN B 330 -12.64 -6.02 1.41
C ASN B 330 -12.37 -5.58 -0.03
N PRO B 331 -13.40 -5.09 -0.76
CA PRO B 331 -13.26 -4.66 -2.14
C PRO B 331 -11.96 -3.92 -2.51
N GLU B 332 -11.63 -2.87 -1.76
CA GLU B 332 -10.42 -2.09 -2.05
C GLU B 332 -9.16 -2.95 -2.04
N ILE B 333 -9.08 -3.89 -1.11
CA ILE B 333 -7.91 -4.76 -1.01
C ILE B 333 -7.98 -5.93 -1.98
N ILE B 334 -9.15 -6.54 -2.10
CA ILE B 334 -9.31 -7.67 -3.02
C ILE B 334 -8.87 -7.23 -4.42
N ASN B 335 -9.28 -6.03 -4.80
CA ASN B 335 -8.94 -5.50 -6.11
C ASN B 335 -7.43 -5.33 -6.32
N GLU B 336 -6.77 -4.58 -5.42
CA GLU B 336 -5.34 -4.35 -5.58
C GLU B 336 -4.55 -5.66 -5.48
N MET B 337 -4.95 -6.55 -4.59
CA MET B 337 -4.25 -7.83 -4.43
C MET B 337 -4.37 -8.70 -5.69
N THR B 338 -5.60 -8.84 -6.19
CA THR B 338 -5.83 -9.66 -7.37
C THR B 338 -5.09 -9.15 -8.60
N ARG B 339 -5.05 -7.83 -8.77
CA ARG B 339 -4.34 -7.24 -9.89
C ARG B 339 -2.84 -7.46 -9.78
N MET B 340 -2.27 -7.24 -8.60
CA MET B 340 -0.83 -7.46 -8.41
C MET B 340 -0.50 -8.92 -8.69
N ARG B 341 -1.35 -9.82 -8.21
CA ARG B 341 -1.15 -11.25 -8.39
C ARG B 341 -1.19 -11.69 -9.85
N MET B 342 -2.22 -11.25 -10.59
CA MET B 342 -2.31 -11.64 -11.99
C MET B 342 -1.21 -11.02 -12.83
N GLU B 343 -0.86 -9.77 -12.55
CA GLU B 343 0.18 -9.10 -13.31
C GLU B 343 1.56 -9.77 -13.17
N MET B 344 1.82 -10.36 -12.00
CA MET B 344 3.11 -11.02 -11.77
C MET B 344 3.07 -12.55 -11.79
N LEU B 345 1.87 -13.12 -11.71
CA LEU B 345 1.74 -14.58 -11.69
C LEU B 345 0.83 -15.16 -12.77
N GLY B 346 0.22 -14.29 -13.57
CA GLY B 346 -0.67 -14.78 -14.60
C GLY B 346 -1.86 -15.44 -13.92
N THR B 347 -2.07 -16.73 -14.16
CA THR B 347 -3.18 -17.43 -13.53
C THR B 347 -2.70 -18.50 -12.56
N SER B 348 -1.42 -18.46 -12.21
CA SER B 348 -0.85 -19.45 -11.30
C SER B 348 -1.04 -19.14 -9.83
N PHE B 349 -2.28 -18.89 -9.43
CA PHE B 349 -2.58 -18.61 -8.03
C PHE B 349 -4.08 -18.82 -7.78
N ILE B 350 -4.45 -18.90 -6.51
CA ILE B 350 -5.84 -19.09 -6.11
C ILE B 350 -6.33 -17.74 -5.58
N PRO B 351 -7.08 -16.99 -6.39
CA PRO B 351 -7.58 -15.68 -5.99
C PRO B 351 -8.38 -15.54 -4.71
N GLN B 352 -9.23 -16.51 -4.38
CA GLN B 352 -10.06 -16.34 -3.18
C GLN B 352 -10.58 -17.61 -2.49
N HIS B 353 -11.05 -17.42 -1.26
CA HIS B 353 -11.69 -18.45 -0.44
C HIS B 353 -12.71 -17.66 0.38
N SER B 354 -13.73 -18.32 0.92
CA SER B 354 -14.76 -17.59 1.67
C SER B 354 -14.48 -17.37 3.16
N ASP B 355 -13.95 -18.40 3.80
CA ASP B 355 -13.68 -18.33 5.24
C ASP B 355 -15.02 -18.29 5.95
N ALA B 356 -16.07 -18.72 5.25
CA ALA B 356 -17.41 -18.71 5.81
C ALA B 356 -17.53 -19.48 7.12
N ARG B 357 -18.12 -18.83 8.11
CA ARG B 357 -18.35 -19.42 9.43
C ARG B 357 -19.84 -19.75 9.52
N VAL B 358 -20.62 -19.08 8.66
CA VAL B 358 -22.06 -19.28 8.58
C VAL B 358 -22.42 -19.65 7.14
N LEU B 359 -23.09 -20.78 6.98
CA LEU B 359 -23.49 -21.29 5.67
C LEU B 359 -23.82 -20.25 4.58
N GLU B 360 -24.82 -19.41 4.84
CA GLU B 360 -25.27 -18.41 3.87
C GLU B 360 -24.17 -17.49 3.34
N GLN B 361 -23.14 -17.24 4.14
CA GLN B 361 -22.06 -16.36 3.73
C GLN B 361 -21.45 -16.76 2.40
N LEU B 362 -21.53 -18.04 2.05
CA LEU B 362 -20.99 -18.50 0.77
C LEU B 362 -21.63 -17.69 -0.36
N ILE B 363 -22.86 -17.26 -0.16
CA ILE B 363 -23.56 -16.49 -1.18
C ILE B 363 -22.90 -15.15 -1.44
N TYR B 364 -22.74 -14.32 -0.40
CA TYR B 364 -22.14 -13.01 -0.59
C TYR B 364 -20.62 -13.05 -0.77
N LYS B 365 -19.94 -13.92 -0.03
CA LYS B 365 -18.48 -14.01 -0.15
C LYS B 365 -18.08 -14.22 -1.61
N TRP B 366 -18.69 -15.18 -2.27
CA TRP B 366 -18.37 -15.45 -3.67
C TRP B 366 -18.98 -14.45 -4.64
N HIS B 367 -20.16 -13.95 -4.32
CA HIS B 367 -20.80 -12.97 -5.20
C HIS B 367 -19.93 -11.71 -5.25
N HIS B 368 -19.60 -11.19 -4.07
CA HIS B 368 -18.79 -9.97 -3.98
C HIS B 368 -17.39 -10.16 -4.59
N SER B 369 -16.82 -11.34 -4.44
CA SER B 369 -15.48 -11.59 -4.98
C SER B 369 -15.47 -11.87 -6.49
N LYS B 370 -16.46 -12.60 -6.98
CA LYS B 370 -16.48 -12.90 -8.42
C LYS B 370 -16.63 -11.63 -9.24
N SER B 371 -17.46 -10.70 -8.79
CA SER B 371 -17.64 -9.45 -9.54
C SER B 371 -16.31 -8.74 -9.71
N ILE B 372 -15.51 -8.71 -8.66
CA ILE B 372 -14.20 -8.03 -8.72
C ILE B 372 -13.22 -8.82 -9.59
N ILE B 373 -13.16 -10.13 -9.39
CA ILE B 373 -12.25 -10.97 -10.17
C ILE B 373 -12.60 -10.87 -11.65
N ALA B 374 -13.88 -10.84 -11.97
CA ALA B 374 -14.34 -10.74 -13.35
C ALA B 374 -13.83 -9.43 -13.95
N GLU B 375 -13.94 -8.33 -13.19
CA GLU B 375 -13.48 -7.03 -13.66
C GLU B 375 -11.99 -7.07 -14.01
N VAL B 376 -11.20 -7.69 -13.15
CA VAL B 376 -9.75 -7.80 -13.37
C VAL B 376 -9.48 -8.60 -14.64
N LEU B 377 -10.13 -9.76 -14.77
CA LEU B 377 -9.96 -10.61 -15.95
C LEU B 377 -10.31 -9.83 -17.22
N ILE B 378 -11.42 -9.07 -17.17
CA ILE B 378 -11.82 -8.29 -18.33
C ILE B 378 -10.69 -7.35 -18.73
N ASP B 379 -10.11 -6.64 -17.76
CA ASP B 379 -9.02 -5.73 -18.05
C ASP B 379 -7.80 -6.44 -18.63
N LYS B 380 -7.38 -7.54 -18.01
CA LYS B 380 -6.21 -8.27 -18.48
C LYS B 380 -6.42 -8.90 -19.86
N TYR B 381 -7.61 -9.42 -20.12
CA TYR B 381 -7.89 -10.00 -21.43
C TYR B 381 -7.91 -8.91 -22.49
N ASP B 382 -8.55 -7.78 -22.17
CA ASP B 382 -8.65 -6.67 -23.11
C ASP B 382 -7.28 -6.10 -23.49
N ASP B 383 -6.33 -6.16 -22.55
CA ASP B 383 -5.00 -5.64 -22.81
C ASP B 383 -4.26 -6.48 -23.86
N ILE B 384 -4.37 -7.81 -23.75
CA ILE B 384 -3.69 -8.66 -24.72
C ILE B 384 -4.51 -8.71 -26.02
N LEU B 385 -5.81 -8.44 -25.88
CA LEU B 385 -6.72 -8.41 -27.02
C LEU B 385 -6.28 -7.21 -27.86
N GLN B 386 -5.99 -6.11 -27.17
CA GLN B 386 -5.55 -4.88 -27.82
C GLN B 386 -4.17 -5.06 -28.46
N ALA B 387 -3.43 -6.05 -27.98
CA ALA B 387 -2.10 -6.33 -28.52
C ALA B 387 -2.19 -7.28 -29.71
N GLY B 388 -3.42 -7.57 -30.14
CA GLY B 388 -3.61 -8.43 -31.29
C GLY B 388 -3.79 -9.91 -31.00
N TRP B 389 -3.89 -10.26 -29.73
CA TRP B 389 -4.07 -11.66 -29.34
C TRP B 389 -5.56 -11.95 -29.38
N GLU B 390 -5.92 -13.18 -29.74
CA GLU B 390 -7.32 -13.57 -29.80
C GLU B 390 -7.61 -14.67 -28.79
N VAL B 391 -8.47 -14.36 -27.83
CA VAL B 391 -8.83 -15.32 -26.79
C VAL B 391 -10.16 -16.00 -27.11
N THR B 392 -10.17 -17.32 -27.07
CA THR B 392 -11.39 -18.07 -27.35
C THR B 392 -12.18 -18.17 -26.06
N GLU B 393 -13.50 -18.31 -26.18
CA GLU B 393 -14.34 -18.41 -25.00
C GLU B 393 -13.97 -19.67 -24.24
N GLU B 394 -13.45 -20.66 -24.96
CA GLU B 394 -13.07 -21.92 -24.33
C GLU B 394 -11.83 -21.73 -23.44
N GLU B 395 -10.93 -20.84 -23.86
CA GLU B 395 -9.73 -20.58 -23.08
C GLU B 395 -10.11 -19.80 -21.82
N ILE B 396 -11.14 -18.97 -21.94
CA ILE B 396 -11.61 -18.18 -20.81
C ILE B 396 -12.18 -19.10 -19.75
N LYS B 397 -12.98 -20.08 -20.18
CA LYS B 397 -13.58 -21.03 -19.25
C LYS B 397 -12.47 -21.85 -18.60
N ARG B 398 -11.40 -22.08 -19.36
CA ARG B 398 -10.26 -22.83 -18.88
C ARG B 398 -9.53 -22.08 -17.77
N ASP B 399 -9.21 -20.81 -18.04
CA ASP B 399 -8.51 -19.97 -17.06
C ASP B 399 -9.37 -19.76 -15.82
N VAL B 400 -10.66 -19.53 -16.02
CA VAL B 400 -11.57 -19.33 -14.90
C VAL B 400 -11.63 -20.61 -14.06
N ALA B 401 -11.59 -21.75 -14.73
CA ALA B 401 -11.63 -23.02 -14.02
C ALA B 401 -10.39 -23.16 -13.14
N ASP B 402 -9.23 -22.82 -13.69
CA ASP B 402 -8.00 -22.90 -12.92
C ASP B 402 -8.07 -22.07 -11.64
N LEU B 403 -8.39 -20.79 -11.80
CA LEU B 403 -8.49 -19.85 -10.69
C LEU B 403 -9.46 -20.27 -9.60
N PHE B 404 -10.66 -20.69 -9.98
CA PHE B 404 -11.68 -21.06 -8.99
C PHE B 404 -11.72 -22.50 -8.53
N SER B 405 -10.96 -23.39 -9.15
CA SER B 405 -11.02 -24.78 -8.72
C SER B 405 -9.83 -25.68 -9.06
N ARG B 406 -9.45 -25.71 -10.33
CA ARG B 406 -8.35 -26.56 -10.77
C ARG B 406 -7.00 -26.32 -10.10
N ASN B 407 -6.59 -25.06 -9.97
CA ASN B 407 -5.30 -24.77 -9.36
C ASN B 407 -5.15 -25.40 -7.98
N PHE B 408 -6.21 -25.36 -7.18
CA PHE B 408 -6.15 -25.94 -5.84
C PHE B 408 -5.94 -27.46 -5.88
N TRP B 409 -6.88 -28.18 -6.50
CA TRP B 409 -6.79 -29.63 -6.59
C TRP B 409 -5.48 -30.08 -7.21
N ARG B 410 -5.02 -29.32 -8.19
CA ARG B 410 -3.75 -29.62 -8.86
C ARG B 410 -2.63 -29.54 -7.84
N PHE B 411 -2.63 -28.46 -7.04
CA PHE B 411 -1.59 -28.26 -6.05
C PHE B 411 -1.63 -29.31 -4.93
N VAL B 412 -2.81 -29.59 -4.39
CA VAL B 412 -2.92 -30.58 -3.32
C VAL B 412 -2.64 -31.97 -3.87
N GLY B 413 -2.67 -32.09 -5.20
CA GLY B 413 -2.41 -33.37 -5.84
C GLY B 413 -3.27 -34.51 -5.33
N ILE C 3 -34.72 6.30 -4.23
CA ILE C 3 -33.56 6.29 -5.17
C ILE C 3 -33.63 5.08 -6.09
N ASN C 4 -33.72 5.33 -7.38
CA ASN C 4 -33.82 4.29 -8.39
C ASN C 4 -32.49 3.88 -9.01
N SER C 5 -31.85 4.82 -9.70
CA SER C 5 -30.57 4.52 -10.36
C SER C 5 -29.36 5.14 -9.66
N ARG C 6 -28.18 4.69 -10.05
CA ARG C 6 -26.94 5.19 -9.48
C ARG C 6 -26.85 6.68 -9.81
N GLU C 7 -27.41 7.05 -10.96
CA GLU C 7 -27.42 8.43 -11.40
C GLU C 7 -28.22 9.30 -10.43
N VAL C 8 -29.35 8.79 -9.97
CA VAL C 8 -30.19 9.51 -9.02
C VAL C 8 -29.48 9.54 -7.68
N LEU C 9 -28.86 8.41 -7.34
CA LEU C 9 -28.13 8.27 -6.09
C LEU C 9 -27.02 9.31 -6.00
N ALA C 10 -26.21 9.40 -7.04
CA ALA C 10 -25.10 10.33 -7.09
C ALA C 10 -25.57 11.76 -6.88
N GLU C 11 -26.74 12.08 -7.42
CA GLU C 11 -27.28 13.43 -7.28
C GLU C 11 -27.62 13.76 -5.84
N LYS C 12 -28.29 12.84 -5.16
CA LYS C 12 -28.67 13.07 -3.77
C LYS C 12 -27.47 13.05 -2.83
N VAL C 13 -26.50 12.18 -3.10
CA VAL C 13 -25.31 12.10 -2.26
C VAL C 13 -24.49 13.39 -2.41
N LYS C 14 -24.21 13.76 -3.66
CA LYS C 14 -23.44 14.98 -3.90
C LYS C 14 -24.07 16.20 -3.24
N ASN C 15 -25.39 16.33 -3.35
CA ASN C 15 -26.08 17.46 -2.73
C ASN C 15 -25.98 17.45 -1.21
N ALA C 16 -26.19 16.28 -0.61
CA ALA C 16 -26.10 16.17 0.85
C ALA C 16 -24.70 16.51 1.32
N VAL C 17 -23.69 15.93 0.68
CA VAL C 17 -22.30 16.18 1.05
C VAL C 17 -22.01 17.67 0.93
N ASN C 18 -22.39 18.27 -0.19
CA ASN C 18 -22.14 19.68 -0.40
C ASN C 18 -22.88 20.60 0.56
N ASN C 19 -24.10 20.24 0.93
CA ASN C 19 -24.90 21.06 1.84
C ASN C 19 -24.59 20.86 3.31
N GLN C 20 -24.02 19.71 3.66
CA GLN C 20 -23.70 19.42 5.06
C GLN C 20 -22.64 20.34 5.66
N PRO C 21 -23.00 21.08 6.71
CA PRO C 21 -22.05 21.98 7.35
C PRO C 21 -20.93 21.14 7.97
N VAL C 22 -19.69 21.56 7.75
CA VAL C 22 -18.55 20.82 8.24
C VAL C 22 -17.93 21.26 9.56
N THR C 23 -17.60 20.28 10.40
CA THR C 23 -16.89 20.56 11.63
C THR C 23 -15.50 20.08 11.26
N ASP C 24 -14.55 21.00 11.22
CA ASP C 24 -13.16 20.71 10.86
C ASP C 24 -12.45 20.48 12.20
N MET C 25 -12.29 19.23 12.61
CA MET C 25 -11.70 18.97 13.93
C MET C 25 -10.19 19.13 14.16
N HIS C 26 -9.47 19.61 13.16
CA HIS C 26 -8.05 19.91 13.32
C HIS C 26 -7.55 20.87 12.25
N THR C 27 -7.16 22.06 12.69
CA THR C 27 -6.63 23.08 11.81
C THR C 27 -5.60 23.89 12.59
N HIS C 28 -4.93 24.81 11.89
CA HIS C 28 -3.94 25.70 12.47
C HIS C 28 -4.43 27.14 12.26
N LEU C 29 -5.74 27.30 12.33
CA LEU C 29 -6.38 28.60 12.18
C LEU C 29 -6.73 29.10 13.59
N PHE C 30 -7.02 30.40 13.71
CA PHE C 30 -7.38 30.98 14.99
C PHE C 30 -8.57 31.92 14.81
N SER C 31 -9.35 32.09 15.88
CA SER C 31 -10.49 33.00 15.83
C SER C 31 -9.87 34.34 15.42
N PRO C 32 -10.54 35.08 14.52
CA PRO C 32 -10.02 36.38 14.05
C PRO C 32 -9.64 37.39 15.12
N ASN C 33 -10.37 37.39 16.24
CA ASN C 33 -10.08 38.31 17.32
C ASN C 33 -8.72 38.04 17.96
N PHE C 34 -8.13 36.90 17.63
CA PHE C 34 -6.82 36.56 18.18
C PHE C 34 -5.74 37.36 17.50
N GLY C 35 -6.08 38.01 16.39
CA GLY C 35 -5.09 38.83 15.71
C GLY C 35 -4.47 38.26 14.45
N GLU C 36 -3.32 38.82 14.09
CA GLU C 36 -2.60 38.44 12.88
C GLU C 36 -2.05 37.01 12.86
N ILE C 37 -2.15 36.32 13.99
CA ILE C 37 -1.66 34.95 14.03
C ILE C 37 -2.52 34.16 13.04
N LEU C 38 -3.71 34.69 12.74
CA LEU C 38 -4.61 34.05 11.76
C LEU C 38 -4.13 34.49 10.38
N LEU C 39 -3.57 33.56 9.62
CA LEU C 39 -3.05 33.85 8.30
C LEU C 39 -4.07 33.73 7.17
N TRP C 40 -4.04 34.69 6.26
CA TRP C 40 -4.95 34.69 5.10
C TRP C 40 -4.45 35.54 3.93
N ASP C 41 -5.01 35.25 2.76
CA ASP C 41 -4.77 35.87 1.45
C ASP C 41 -3.87 35.06 0.52
N ILE C 42 -3.86 35.43 -0.76
CA ILE C 42 -3.08 34.72 -1.78
C ILE C 42 -1.59 34.59 -1.52
N ASP C 43 -0.95 35.62 -0.96
CA ASP C 43 0.47 35.53 -0.69
C ASP C 43 0.74 34.46 0.36
N GLU C 44 -0.16 34.36 1.35
CA GLU C 44 -0.02 33.36 2.40
C GLU C 44 -0.24 31.96 1.82
N LEU C 45 -1.25 31.84 0.95
CA LEU C 45 -1.56 30.57 0.31
C LEU C 45 -0.35 30.08 -0.48
N LEU C 46 0.24 30.97 -1.27
CA LEU C 46 1.39 30.63 -2.09
C LEU C 46 2.65 30.29 -1.30
N THR C 47 2.81 30.86 -0.11
CA THR C 47 3.99 30.59 0.70
C THR C 47 3.78 29.52 1.76
N TYR C 48 2.67 28.79 1.64
CA TYR C 48 2.33 27.68 2.53
C TYR C 48 3.57 26.77 2.43
N HIS C 49 4.02 26.18 3.53
CA HIS C 49 5.24 25.37 3.46
C HIS C 49 5.20 24.22 2.46
N TYR C 50 4.02 23.77 2.08
CA TYR C 50 3.91 22.69 1.09
C TYR C 50 4.55 23.18 -0.21
N LEU C 51 4.26 24.43 -0.56
CA LEU C 51 4.79 25.00 -1.80
C LEU C 51 6.24 25.43 -1.69
N VAL C 52 6.71 25.66 -0.46
CA VAL C 52 8.11 26.02 -0.27
C VAL C 52 8.93 24.77 -0.58
N ALA C 53 8.45 23.62 -0.12
CA ALA C 53 9.17 22.37 -0.37
C ALA C 53 9.21 22.12 -1.88
N GLU C 54 8.06 22.25 -2.53
CA GLU C 54 7.96 22.02 -3.96
C GLU C 54 8.77 22.99 -4.82
N VAL C 55 8.73 24.28 -4.49
CA VAL C 55 9.50 25.23 -5.29
C VAL C 55 10.99 24.99 -5.18
N MET C 56 11.45 24.49 -4.03
CA MET C 56 12.88 24.23 -3.87
C MET C 56 13.39 23.07 -4.73
N ARG C 57 12.50 22.30 -5.30
CA ARG C 57 12.93 21.21 -6.17
C ARG C 57 13.21 21.76 -7.57
N TRP C 58 12.74 22.97 -7.86
CA TRP C 58 12.92 23.58 -9.18
C TRP C 58 13.83 24.81 -9.28
N THR C 59 13.64 25.75 -8.37
CA THR C 59 14.37 27.02 -8.39
C THR C 59 15.86 27.00 -8.09
N ASP C 60 16.57 27.98 -8.66
CA ASP C 60 18.00 28.11 -8.44
C ASP C 60 18.25 29.00 -7.23
N VAL C 61 17.19 29.64 -6.75
CA VAL C 61 17.32 30.50 -5.57
C VAL C 61 17.64 29.63 -4.37
N SER C 62 18.69 29.98 -3.64
CA SER C 62 19.09 29.23 -2.46
C SER C 62 18.02 29.38 -1.38
N ILE C 63 17.97 28.43 -0.45
CA ILE C 63 16.99 28.47 0.61
C ILE C 63 17.17 29.71 1.49
N GLU C 64 18.43 30.13 1.69
CA GLU C 64 18.71 31.32 2.50
C GLU C 64 18.15 32.55 1.80
N ALA C 65 18.44 32.68 0.51
CA ALA C 65 17.96 33.81 -0.26
C ALA C 65 16.44 33.85 -0.22
N PHE C 66 15.82 32.67 -0.26
CA PHE C 66 14.35 32.59 -0.22
C PHE C 66 13.77 33.14 1.08
N TRP C 67 14.34 32.71 2.21
CA TRP C 67 13.86 33.16 3.51
C TRP C 67 14.15 34.64 3.71
N ALA C 68 15.13 35.16 2.96
CA ALA C 68 15.50 36.57 3.05
C ALA C 68 14.53 37.43 2.25
N MET C 69 13.81 36.82 1.32
CA MET C 69 12.85 37.54 0.48
C MET C 69 11.61 37.94 1.27
N SER C 70 10.91 38.94 0.76
CA SER C 70 9.69 39.41 1.39
C SER C 70 8.58 38.41 1.06
N LYS C 71 7.49 38.49 1.81
CA LYS C 71 6.36 37.61 1.57
C LYS C 71 5.94 37.70 0.10
N ARG C 72 5.86 38.94 -0.41
CA ARG C 72 5.46 39.14 -1.79
C ARG C 72 6.43 38.53 -2.79
N GLU C 73 7.73 38.71 -2.56
CA GLU C 73 8.76 38.17 -3.44
C GLU C 73 8.76 36.64 -3.45
N GLN C 74 8.59 36.04 -2.27
CA GLN C 74 8.54 34.59 -2.18
C GLN C 74 7.35 34.10 -3.00
N ALA C 75 6.21 34.77 -2.82
CA ALA C 75 5.00 34.39 -3.54
C ALA C 75 5.16 34.55 -5.06
N ASP C 76 5.86 35.60 -5.49
CA ASP C 76 6.07 35.79 -6.93
C ASP C 76 6.92 34.65 -7.47
N LEU C 77 7.96 34.30 -6.71
CA LEU C 77 8.86 33.22 -7.11
C LEU C 77 8.10 31.90 -7.27
N ILE C 78 7.34 31.54 -6.24
CA ILE C 78 6.57 30.30 -6.26
C ILE C 78 5.58 30.26 -7.42
N TRP C 79 4.90 31.37 -7.65
CA TRP C 79 3.92 31.47 -8.73
C TRP C 79 4.59 31.19 -10.08
N GLU C 80 5.72 31.83 -10.32
CA GLU C 80 6.45 31.67 -11.57
C GLU C 80 7.04 30.26 -11.75
N GLU C 81 7.66 29.77 -10.69
CA GLU C 81 8.30 28.45 -10.73
C GLU C 81 7.35 27.25 -10.79
N LEU C 82 6.26 27.28 -10.05
CA LEU C 82 5.34 26.15 -10.01
C LEU C 82 4.06 26.29 -10.83
N PHE C 83 3.75 27.51 -11.26
CA PHE C 83 2.52 27.74 -12.03
C PHE C 83 2.77 28.17 -13.48
N ILE C 84 3.83 28.94 -13.70
CA ILE C 84 4.14 29.42 -15.03
C ILE C 84 5.19 28.56 -15.77
N LYS C 85 6.30 28.25 -15.10
CA LYS C 85 7.36 27.45 -15.73
C LYS C 85 6.99 25.97 -15.90
N ARG C 86 6.02 25.51 -15.12
CA ARG C 86 5.53 24.14 -15.19
C ARG C 86 4.04 24.25 -14.85
N SER C 87 3.24 23.31 -15.30
CA SER C 87 1.82 23.37 -14.99
C SER C 87 1.63 23.03 -13.50
N PRO C 88 0.75 23.77 -12.81
CA PRO C 88 0.47 23.57 -11.38
C PRO C 88 -0.43 22.35 -11.15
N VAL C 89 0.09 21.16 -11.44
CA VAL C 89 -0.68 19.94 -11.30
C VAL C 89 -0.61 19.27 -9.93
N SER C 90 0.37 19.61 -9.11
CA SER C 90 0.46 18.98 -7.78
C SER C 90 -0.80 19.33 -6.97
N GLU C 91 -1.13 18.48 -5.99
CA GLU C 91 -2.31 18.72 -5.17
C GLU C 91 -2.29 20.11 -4.51
N ALA C 92 -1.15 20.49 -3.95
CA ALA C 92 -1.01 21.78 -3.28
C ALA C 92 -1.21 22.96 -4.22
N CYS C 93 -0.64 22.86 -5.42
CA CYS C 93 -0.79 23.93 -6.40
C CYS C 93 -2.23 24.00 -6.90
N ARG C 94 -2.81 22.84 -7.14
CA ARG C 94 -4.19 22.74 -7.58
C ARG C 94 -5.08 23.40 -6.53
N GLY C 95 -4.71 23.22 -5.26
CA GLY C 95 -5.47 23.79 -4.18
C GLY C 95 -5.53 25.31 -4.24
N VAL C 96 -4.40 25.93 -4.57
CA VAL C 96 -4.34 27.38 -4.67
C VAL C 96 -5.33 27.89 -5.71
N LEU C 97 -5.39 27.19 -6.86
CA LEU C 97 -6.31 27.58 -7.92
C LEU C 97 -7.77 27.41 -7.48
N THR C 98 -8.07 26.31 -6.82
CA THR C 98 -9.43 26.05 -6.34
C THR C 98 -9.89 27.15 -5.39
N CYS C 99 -8.98 27.66 -4.56
CA CYS C 99 -9.31 28.73 -3.63
C CYS C 99 -9.65 29.98 -4.44
N LEU C 100 -8.79 30.31 -5.39
CA LEU C 100 -9.00 31.49 -6.24
C LEU C 100 -10.37 31.45 -6.90
N GLN C 101 -10.69 30.32 -7.53
CA GLN C 101 -11.95 30.15 -8.22
C GLN C 101 -13.14 30.27 -7.26
N GLY C 102 -13.02 29.64 -6.10
CA GLY C 102 -14.09 29.69 -5.12
C GLY C 102 -14.38 31.11 -4.63
N LEU C 103 -13.37 31.97 -4.63
CA LEU C 103 -13.52 33.34 -4.18
C LEU C 103 -14.07 34.25 -5.28
N GLY C 104 -14.30 33.68 -6.46
CA GLY C 104 -14.82 34.46 -7.55
C GLY C 104 -13.75 35.00 -8.49
N LEU C 105 -12.47 34.77 -8.15
CA LEU C 105 -11.38 35.24 -9.01
C LEU C 105 -11.27 34.28 -10.19
N ASP C 106 -10.49 34.66 -11.21
CA ASP C 106 -10.36 33.80 -12.39
C ASP C 106 -8.92 33.37 -12.69
N PRO C 107 -8.62 32.08 -12.47
CA PRO C 107 -7.29 31.51 -12.70
C PRO C 107 -6.86 31.55 -14.16
N ALA C 108 -7.83 31.67 -15.05
CA ALA C 108 -7.55 31.70 -16.48
C ALA C 108 -6.67 32.89 -16.88
N THR C 109 -6.80 33.99 -16.15
CA THR C 109 -6.02 35.20 -16.43
C THR C 109 -4.60 35.15 -15.89
N ARG C 110 -4.39 34.34 -14.86
CA ARG C 110 -3.07 34.23 -14.24
C ARG C 110 -2.60 35.60 -13.79
N ASP C 111 -3.55 36.47 -13.47
CA ASP C 111 -3.23 37.83 -13.05
C ASP C 111 -3.04 37.93 -11.53
N LEU C 112 -1.85 37.57 -11.06
CA LEU C 112 -1.55 37.60 -9.63
C LEU C 112 -1.76 38.97 -8.99
N GLN C 113 -1.44 40.03 -9.71
CA GLN C 113 -1.61 41.38 -9.18
C GLN C 113 -3.08 41.66 -8.90
N VAL C 114 -3.96 41.19 -9.77
CA VAL C 114 -5.39 41.38 -9.59
C VAL C 114 -5.94 40.55 -8.44
N TYR C 115 -5.43 39.33 -8.27
CA TYR C 115 -5.91 38.49 -7.17
C TYR C 115 -5.59 39.17 -5.85
N ARG C 116 -4.40 39.75 -5.78
CA ARG C 116 -3.96 40.44 -4.57
C ARG C 116 -4.88 41.59 -4.18
N GLU C 117 -5.50 42.23 -5.17
CA GLU C 117 -6.41 43.35 -4.91
C GLU C 117 -7.63 42.93 -4.12
N TYR C 118 -8.14 41.73 -4.41
CA TYR C 118 -9.31 41.19 -3.72
C TYR C 118 -9.11 41.18 -2.20
N PHE C 119 -7.90 40.86 -1.77
CA PHE C 119 -7.57 40.76 -0.35
C PHE C 119 -7.18 42.07 0.32
N ALA C 120 -6.62 43.00 -0.44
CA ALA C 120 -6.19 44.28 0.10
C ALA C 120 -7.34 45.08 0.71
N LYS C 121 -8.56 44.73 0.32
CA LYS C 121 -9.75 45.40 0.84
C LYS C 121 -10.13 44.88 2.21
N LYS C 122 -10.79 43.72 2.20
CA LYS C 122 -11.29 43.02 3.37
C LYS C 122 -10.53 43.11 4.68
N THR C 123 -11.28 42.82 5.76
CA THR C 123 -10.75 42.77 7.11
C THR C 123 -10.73 41.28 7.42
N SER C 124 -10.03 40.89 8.47
CA SER C 124 -9.93 39.48 8.86
C SER C 124 -11.33 38.91 9.09
N GLU C 125 -12.14 39.65 9.85
CA GLU C 125 -13.49 39.24 10.17
C GLU C 125 -14.32 38.96 8.93
N GLU C 126 -14.23 39.85 7.95
CA GLU C 126 -14.99 39.71 6.71
C GLU C 126 -14.52 38.48 5.93
N GLN C 127 -13.21 38.31 5.80
CA GLN C 127 -12.69 37.17 5.06
C GLN C 127 -13.06 35.85 5.75
N VAL C 128 -13.11 35.87 7.08
CA VAL C 128 -13.48 34.67 7.81
C VAL C 128 -14.93 34.35 7.45
N ASP C 129 -15.80 35.37 7.49
CA ASP C 129 -17.19 35.15 7.17
C ASP C 129 -17.34 34.61 5.75
N THR C 130 -16.62 35.23 4.83
CA THR C 130 -16.64 34.82 3.42
C THR C 130 -16.20 33.37 3.25
N VAL C 131 -15.00 33.06 3.72
CA VAL C 131 -14.46 31.72 3.60
C VAL C 131 -15.30 30.64 4.27
N LEU C 132 -15.70 30.85 5.52
CA LEU C 132 -16.51 29.84 6.21
C LEU C 132 -17.83 29.58 5.50
N GLN C 133 -18.37 30.59 4.83
CA GLN C 133 -19.61 30.41 4.11
C GLN C 133 -19.33 29.61 2.83
N LEU C 134 -18.28 29.98 2.11
CA LEU C 134 -17.92 29.29 0.88
C LEU C 134 -17.57 27.82 1.10
N ALA C 135 -16.75 27.55 2.11
CA ALA C 135 -16.33 26.19 2.42
C ALA C 135 -17.40 25.44 3.22
N ASN C 136 -18.44 26.16 3.63
CA ASN C 136 -19.54 25.60 4.41
C ASN C 136 -19.04 24.91 5.68
N VAL C 137 -18.14 25.59 6.39
CA VAL C 137 -17.59 25.10 7.65
C VAL C 137 -18.26 25.85 8.80
N SER C 138 -18.96 25.12 9.66
CA SER C 138 -19.65 25.73 10.80
C SER C 138 -18.78 25.82 12.05
N ASP C 139 -17.85 24.87 12.19
CA ASP C 139 -16.99 24.83 13.36
C ASP C 139 -15.54 24.48 13.03
N VAL C 140 -14.61 25.26 13.58
CA VAL C 140 -13.18 25.09 13.36
C VAL C 140 -12.46 24.80 14.68
N VAL C 141 -11.75 23.68 14.75
CA VAL C 141 -10.99 23.37 15.96
C VAL C 141 -9.58 23.89 15.73
N MET C 142 -9.10 24.71 16.65
CA MET C 142 -7.76 25.28 16.54
C MET C 142 -6.71 24.37 17.16
N THR C 143 -5.45 24.79 17.04
CA THR C 143 -4.33 24.09 17.66
C THR C 143 -3.78 25.18 18.55
N ASN C 144 -4.01 25.06 19.85
CA ASN C 144 -3.57 26.07 20.79
C ASN C 144 -2.42 25.56 21.65
N ASP C 145 -1.26 26.18 21.42
CA ASP C 145 -0.02 25.83 22.08
C ASP C 145 0.41 26.86 23.12
N PRO C 146 0.17 26.57 24.41
CA PRO C 146 0.54 27.49 25.49
C PRO C 146 2.05 27.68 25.66
N PHE C 147 2.83 26.91 24.91
CA PHE C 147 4.27 27.04 25.00
C PHE C 147 4.78 28.10 24.03
N ASP C 148 3.95 28.48 23.06
CA ASP C 148 4.34 29.53 22.13
C ASP C 148 4.05 30.86 22.85
N ASP C 149 5.08 31.68 23.02
CA ASP C 149 4.92 32.95 23.73
C ASP C 149 3.78 33.83 23.26
N ASN C 150 3.63 33.97 21.95
CA ASN C 150 2.57 34.82 21.40
C ASN C 150 1.19 34.30 21.75
N GLU C 151 0.92 33.03 21.45
CA GLU C 151 -0.39 32.45 21.74
C GLU C 151 -0.68 32.52 23.23
N ARG C 152 0.35 32.27 24.04
CA ARG C 152 0.15 32.27 25.49
C ARG C 152 -0.35 33.60 26.04
N ILE C 153 0.23 34.70 25.54
CA ILE C 153 -0.16 36.02 26.01
C ILE C 153 -1.65 36.26 25.79
N SER C 154 -2.15 35.87 24.62
CA SER C 154 -3.55 36.05 24.29
C SER C 154 -4.45 35.37 25.31
N TRP C 155 -4.14 34.12 25.63
CA TRP C 155 -4.94 33.38 26.59
C TRP C 155 -4.83 33.96 28.00
N LEU C 156 -3.61 34.34 28.40
CA LEU C 156 -3.40 34.88 29.72
C LEU C 156 -4.06 36.25 29.89
N GLU C 157 -4.26 36.94 28.77
CA GLU C 157 -4.88 38.26 28.80
C GLU C 157 -6.39 38.22 28.53
N GLY C 158 -6.99 37.05 28.70
CA GLY C 158 -8.42 36.91 28.53
C GLY C 158 -9.05 36.69 27.17
N LYS C 159 -8.26 36.55 26.11
CA LYS C 159 -8.83 36.34 24.78
C LYS C 159 -9.62 35.04 24.70
N GLN C 160 -10.81 35.13 24.11
CA GLN C 160 -11.68 33.97 23.93
C GLN C 160 -12.06 33.93 22.46
N PRO C 161 -12.15 32.73 21.87
CA PRO C 161 -12.52 32.61 20.46
C PRO C 161 -14.04 32.76 20.31
N ASP C 162 -14.51 33.20 19.15
CA ASP C 162 -15.95 33.32 19.00
C ASP C 162 -16.53 31.91 18.88
N SER C 163 -17.85 31.81 19.01
CA SER C 163 -18.54 30.52 18.98
C SER C 163 -18.19 29.56 17.84
N ARG C 164 -17.61 30.06 16.75
CA ARG C 164 -17.27 29.20 15.62
C ARG C 164 -15.94 28.47 15.79
N PHE C 165 -15.11 28.95 16.70
CA PHE C 165 -13.79 28.36 16.94
C PHE C 165 -13.68 27.65 18.28
N HIS C 166 -13.04 26.48 18.27
CA HIS C 166 -12.86 25.70 19.49
C HIS C 166 -11.39 25.45 19.75
N ALA C 167 -11.01 25.41 21.03
CA ALA C 167 -9.63 25.19 21.39
C ALA C 167 -9.28 23.71 21.51
N ALA C 168 -7.99 23.43 21.32
CA ALA C 168 -7.46 22.09 21.45
C ALA C 168 -6.11 22.35 22.09
N LEU C 169 -5.89 21.80 23.27
CA LEU C 169 -4.64 21.99 24.00
C LEU C 169 -3.51 21.14 23.40
N ARG C 170 -2.58 21.79 22.71
CA ARG C 170 -1.46 21.10 22.07
C ARG C 170 -0.27 21.02 23.02
N LEU C 171 0.29 19.82 23.17
CA LEU C 171 1.36 19.63 24.15
C LEU C 171 2.72 19.08 23.69
N ASP C 172 3.04 19.17 22.41
CA ASP C 172 4.32 18.67 21.92
C ASP C 172 5.55 19.02 22.77
N PRO C 173 5.73 20.30 23.15
CA PRO C 173 6.89 20.69 23.94
C PRO C 173 6.96 19.98 25.30
N LEU C 174 5.81 19.76 25.91
CA LEU C 174 5.76 19.10 27.21
C LEU C 174 6.14 17.62 27.10
N LEU C 175 5.56 16.93 26.12
CA LEU C 175 5.80 15.50 25.94
C LEU C 175 7.06 15.12 25.16
N ASN C 176 7.45 15.93 24.19
CA ASN C 176 8.62 15.61 23.37
C ASN C 176 9.91 16.36 23.73
N GLU C 177 9.79 17.47 24.46
CA GLU C 177 10.98 18.25 24.82
C GLU C 177 10.95 18.63 26.29
N TYR C 178 10.57 17.69 27.15
CA TYR C 178 10.46 17.99 28.56
C TYR C 178 11.71 18.54 29.24
N GLU C 179 12.90 18.08 28.84
CA GLU C 179 14.11 18.59 29.50
C GLU C 179 14.26 20.09 29.30
N GLN C 180 13.84 20.58 28.16
CA GLN C 180 13.92 22.01 27.89
C GLN C 180 12.70 22.70 28.50
N THR C 181 11.55 22.04 28.42
CA THR C 181 10.29 22.58 28.91
C THR C 181 10.13 22.73 30.42
N LYS C 182 10.73 21.82 31.19
CA LYS C 182 10.61 21.89 32.65
C LYS C 182 11.08 23.24 33.19
N HIS C 183 12.10 23.81 32.55
CA HIS C 183 12.63 25.11 32.99
C HIS C 183 11.56 26.19 32.81
N ARG C 184 10.84 26.12 31.70
CA ARG C 184 9.79 27.09 31.42
C ARG C 184 8.62 26.92 32.38
N LEU C 185 8.30 25.67 32.72
CA LEU C 185 7.21 25.42 33.66
C LEU C 185 7.56 26.11 34.98
N ARG C 186 8.80 25.95 35.41
CA ARG C 186 9.24 26.59 36.65
C ARG C 186 9.13 28.11 36.54
N ASP C 187 9.44 28.63 35.35
CA ASP C 187 9.35 30.07 35.12
C ASP C 187 7.90 30.55 35.22
N TRP C 188 6.95 29.62 35.06
CA TRP C 188 5.54 29.97 35.12
C TRP C 188 4.88 29.59 36.44
N GLY C 189 5.68 29.26 37.44
CA GLY C 189 5.12 28.92 38.73
C GLY C 189 4.81 27.46 38.99
N TYR C 190 5.09 26.59 38.02
CA TYR C 190 4.85 25.16 38.21
C TYR C 190 6.17 24.61 38.75
N LYS C 191 6.17 24.32 40.04
CA LYS C 191 7.36 23.87 40.74
C LYS C 191 7.82 22.45 40.46
N VAL C 192 8.09 22.12 39.21
CA VAL C 192 8.56 20.78 38.91
C VAL C 192 10.03 20.70 39.30
N ASN C 193 10.46 19.52 39.75
CA ASN C 193 11.84 19.31 40.15
C ASN C 193 12.60 18.73 38.96
N ASP C 194 13.92 18.80 38.98
CA ASP C 194 14.69 18.23 37.88
C ASP C 194 14.39 16.73 37.94
N GLU C 195 14.23 16.21 39.15
CA GLU C 195 13.92 14.80 39.33
C GLU C 195 12.44 14.53 39.12
N TRP C 196 12.11 13.43 38.44
CA TRP C 196 10.73 13.09 38.22
C TRP C 196 10.26 12.34 39.46
N ASN C 197 9.40 12.98 40.25
CA ASN C 197 8.87 12.38 41.47
C ASN C 197 7.44 12.88 41.68
N GLU C 198 6.83 12.51 42.80
CA GLU C 198 5.46 12.90 43.09
C GLU C 198 5.25 14.40 42.98
N GLY C 199 6.20 15.18 43.47
CA GLY C 199 6.08 16.63 43.41
C GLY C 199 5.99 17.14 41.98
N SER C 200 6.84 16.62 41.11
CA SER C 200 6.84 17.03 39.71
C SER C 200 5.57 16.57 39.02
N ILE C 201 5.16 15.34 39.32
CA ILE C 201 3.95 14.77 38.75
C ILE C 201 2.76 15.68 39.04
N GLN C 202 2.61 16.09 40.30
CA GLN C 202 1.49 16.95 40.69
C GLN C 202 1.51 18.34 40.05
N GLU C 203 2.69 18.91 39.87
CA GLU C 203 2.76 20.23 39.25
C GLU C 203 2.47 20.14 37.76
N VAL C 204 2.86 19.04 37.11
CA VAL C 204 2.56 18.90 35.68
C VAL C 204 1.05 18.70 35.54
N LYS C 205 0.46 17.95 36.46
CA LYS C 205 -0.99 17.71 36.45
C LYS C 205 -1.71 19.05 36.65
N ARG C 206 -1.14 19.89 37.51
CA ARG C 206 -1.73 21.19 37.80
C ARG C 206 -1.64 22.09 36.56
N PHE C 207 -0.52 21.98 35.84
CA PHE C 207 -0.32 22.76 34.60
C PHE C 207 -1.40 22.37 33.60
N LEU C 208 -1.62 21.08 33.44
CA LEU C 208 -2.64 20.60 32.50
C LEU C 208 -4.01 21.07 32.92
N THR C 209 -4.30 20.92 34.20
CA THR C 209 -5.60 21.33 34.74
C THR C 209 -5.86 22.82 34.53
N ASP C 210 -4.86 23.65 34.82
CA ASP C 210 -5.01 25.10 34.66
C ASP C 210 -5.33 25.44 33.21
N TRP C 211 -4.63 24.82 32.27
CA TRP C 211 -4.87 25.11 30.87
C TRP C 211 -6.17 24.54 30.32
N ILE C 212 -6.61 23.41 30.86
CA ILE C 212 -7.86 22.82 30.41
C ILE C 212 -8.96 23.80 30.85
N GLU C 213 -8.83 24.30 32.06
CA GLU C 213 -9.79 25.24 32.62
C GLU C 213 -9.81 26.55 31.84
N ARG C 214 -8.63 27.01 31.42
CA ARG C 214 -8.53 28.26 30.68
C ARG C 214 -9.00 28.16 29.23
N MET C 215 -8.65 27.07 28.56
CA MET C 215 -9.01 26.90 27.15
C MET C 215 -10.31 26.14 26.88
N ASP C 216 -10.81 25.41 27.86
CA ASP C 216 -12.01 24.59 27.67
C ASP C 216 -11.85 23.86 26.32
N PRO C 217 -10.72 23.15 26.14
CA PRO C 217 -10.42 22.40 24.91
C PRO C 217 -11.31 21.21 24.62
N VAL C 218 -11.53 20.94 23.33
CA VAL C 218 -12.33 19.79 22.93
C VAL C 218 -11.49 18.52 23.09
N TYR C 219 -10.17 18.68 23.12
CA TYR C 219 -9.25 17.56 23.34
C TYR C 219 -7.84 18.06 23.55
N MET C 220 -6.98 17.19 24.07
CA MET C 220 -5.57 17.54 24.26
C MET C 220 -4.89 16.77 23.13
N ALA C 221 -3.83 17.34 22.58
CA ALA C 221 -3.17 16.69 21.46
C ALA C 221 -1.65 16.78 21.45
N VAL C 222 -1.04 15.90 20.65
CA VAL C 222 0.40 15.85 20.49
C VAL C 222 0.70 15.14 19.17
N SER C 223 1.79 15.51 18.52
CA SER C 223 2.21 14.83 17.29
C SER C 223 3.39 14.00 17.78
N LEU C 224 3.51 12.78 17.29
CA LEU C 224 4.55 11.86 17.74
C LEU C 224 5.39 11.28 16.61
N PRO C 225 6.64 10.89 16.92
CA PRO C 225 7.55 10.31 15.93
C PRO C 225 7.23 8.85 15.59
N PRO C 226 7.77 8.35 14.47
CA PRO C 226 7.50 6.96 14.12
C PRO C 226 7.98 5.96 15.16
N THR C 227 8.92 6.38 16.01
CA THR C 227 9.46 5.49 17.04
C THR C 227 8.63 5.52 18.34
N PHE C 228 7.49 6.20 18.30
CA PHE C 228 6.64 6.27 19.47
C PHE C 228 6.30 4.92 20.05
N SER C 229 6.47 4.79 21.36
CA SER C 229 6.16 3.54 22.04
C SER C 229 5.56 3.85 23.40
N PHE C 230 4.79 2.90 23.93
CA PHE C 230 4.15 3.05 25.22
C PHE C 230 3.68 1.68 25.68
N PRO C 231 4.01 1.30 26.93
CA PRO C 231 4.79 2.07 27.91
C PRO C 231 6.21 2.32 27.42
N GLU C 232 6.86 3.32 28.02
CA GLU C 232 8.23 3.64 27.68
C GLU C 232 8.88 4.32 28.85
N GLU C 233 10.12 3.94 29.14
CA GLU C 233 10.84 4.56 30.23
C GLU C 233 11.50 5.80 29.64
N SER C 234 10.77 6.91 29.69
CA SER C 234 11.22 8.18 29.16
C SER C 234 10.32 9.26 29.72
N ASN C 235 10.65 10.51 29.45
CA ASN C 235 9.82 11.61 29.91
C ASN C 235 8.42 11.48 29.32
N ARG C 236 8.35 11.23 28.02
CA ARG C 236 7.05 11.12 27.35
C ARG C 236 6.23 9.98 27.93
N GLY C 237 6.88 8.83 28.12
CA GLY C 237 6.19 7.68 28.67
C GLY C 237 5.68 7.95 30.08
N ARG C 238 6.54 8.52 30.92
CA ARG C 238 6.15 8.81 32.30
C ARG C 238 5.10 9.92 32.40
N ILE C 239 5.26 10.98 31.62
CA ILE C 239 4.30 12.06 31.68
C ILE C 239 2.91 11.61 31.20
N ILE C 240 2.87 10.79 30.15
CA ILE C 240 1.59 10.29 29.67
C ILE C 240 0.93 9.40 30.74
N ARG C 241 1.71 8.48 31.30
CA ARG C 241 1.23 7.57 32.33
C ARG C 241 0.80 8.28 33.63
N ASP C 242 1.72 9.05 34.21
CA ASP C 242 1.46 9.72 35.49
C ASP C 242 0.63 10.98 35.50
N CYS C 243 0.57 11.70 34.38
CA CYS C 243 -0.14 12.98 34.35
C CYS C 243 -1.27 13.13 33.35
N LEU C 244 -0.94 12.96 32.07
CA LEU C 244 -1.91 13.15 30.99
C LEU C 244 -3.14 12.24 31.06
N LEU C 245 -2.93 10.92 31.09
CA LEU C 245 -4.06 10.00 31.12
C LEU C 245 -4.98 10.17 32.32
N PRO C 246 -4.42 10.31 33.54
CA PRO C 246 -5.33 10.47 34.69
C PRO C 246 -6.12 11.77 34.63
N VAL C 247 -5.48 12.86 34.20
CA VAL C 247 -6.14 14.15 34.08
C VAL C 247 -7.20 14.09 32.98
N ALA C 248 -6.87 13.43 31.87
CA ALA C 248 -7.81 13.31 30.76
C ALA C 248 -9.03 12.49 31.15
N GLU C 249 -8.81 11.42 31.93
CA GLU C 249 -9.94 10.59 32.36
C GLU C 249 -10.81 11.39 33.32
N LYS C 250 -10.16 12.07 34.27
CA LYS C 250 -10.89 12.85 35.26
C LYS C 250 -11.82 13.90 34.64
N HIS C 251 -11.32 14.59 33.61
CA HIS C 251 -12.11 15.63 32.95
C HIS C 251 -12.81 15.14 31.70
N ASN C 252 -12.72 13.83 31.46
CA ASN C 252 -13.34 13.18 30.32
C ASN C 252 -13.02 13.91 29.02
N ILE C 253 -11.73 14.16 28.78
CA ILE C 253 -11.28 14.85 27.57
C ILE C 253 -10.44 13.89 26.73
N PRO C 254 -10.76 13.76 25.44
CA PRO C 254 -9.97 12.85 24.61
C PRO C 254 -8.53 13.29 24.39
N PHE C 255 -7.70 12.32 24.05
CA PHE C 255 -6.29 12.53 23.78
C PHE C 255 -6.05 12.24 22.30
N ALA C 256 -5.67 13.27 21.55
CA ALA C 256 -5.43 13.12 20.12
C ALA C 256 -3.95 12.87 19.86
N MET C 257 -3.67 11.76 19.17
CA MET C 257 -2.30 11.40 18.85
C MET C 257 -2.11 11.38 17.32
N MET C 258 -1.21 12.23 16.83
CA MET C 258 -0.91 12.31 15.40
C MET C 258 0.50 11.72 15.30
N ILE C 259 0.53 10.44 14.94
CA ILE C 259 1.74 9.64 14.89
C ILE C 259 2.43 9.43 13.54
N GLY C 260 3.75 9.53 13.54
CA GLY C 260 4.51 9.30 12.32
C GLY C 260 5.41 10.39 11.79
N VAL C 261 5.41 11.56 12.42
CA VAL C 261 6.26 12.64 11.91
C VAL C 261 7.68 12.65 12.48
N LYS C 262 8.67 12.68 11.59
CA LYS C 262 10.07 12.75 12.00
C LYS C 262 10.41 14.21 11.74
N LYS C 263 10.56 14.97 12.83
CA LYS C 263 10.81 16.41 12.75
C LYS C 263 12.19 16.84 12.29
N ARG C 264 12.20 17.94 11.54
CA ARG C 264 13.40 18.57 11.05
C ARG C 264 14.48 17.69 10.43
N VAL C 265 14.12 16.88 9.42
CA VAL C 265 15.16 16.09 8.78
C VAL C 265 15.92 17.06 7.87
N HIS C 266 15.30 18.19 7.56
CA HIS C 266 15.96 19.22 6.76
C HIS C 266 15.68 20.55 7.46
N PRO C 267 16.47 20.85 8.51
CA PRO C 267 16.38 22.06 9.32
C PRO C 267 16.14 23.37 8.57
N ALA C 268 16.92 23.60 7.51
CA ALA C 268 16.82 24.83 6.72
C ALA C 268 15.44 25.10 6.13
N LEU C 269 14.68 24.04 5.84
CA LEU C 269 13.35 24.23 5.26
C LEU C 269 12.31 24.61 6.30
N GLY C 270 12.71 24.72 7.56
CA GLY C 270 11.77 25.08 8.61
C GLY C 270 10.56 24.16 8.63
N ASP C 271 9.36 24.75 8.58
CA ASP C 271 8.13 23.96 8.61
C ASP C 271 8.00 22.96 7.46
N ALA C 272 8.77 23.18 6.40
CA ALA C 272 8.74 22.29 5.24
C ALA C 272 9.79 21.17 5.35
N GLY C 273 10.44 21.08 6.51
CA GLY C 273 11.48 20.08 6.70
C GLY C 273 11.17 18.81 7.49
N ASP C 274 9.90 18.48 7.68
CA ASP C 274 9.55 17.28 8.42
C ASP C 274 9.33 16.10 7.46
N PHE C 275 9.68 14.92 7.94
CA PHE C 275 9.58 13.69 7.17
C PHE C 275 8.57 12.72 7.81
N VAL C 276 8.49 11.50 7.27
CA VAL C 276 7.52 10.52 7.77
C VAL C 276 8.18 9.15 7.97
N GLY C 277 7.55 8.33 8.83
CA GLY C 277 8.04 6.99 9.08
C GLY C 277 6.91 6.13 9.61
N LYS C 278 6.94 4.84 9.31
CA LYS C 278 5.90 3.93 9.79
C LYS C 278 6.13 3.67 11.28
N ALA C 279 5.05 3.63 12.06
CA ALA C 279 5.19 3.38 13.48
C ALA C 279 4.66 1.99 13.84
N SER C 280 5.03 1.52 15.03
CA SER C 280 4.51 0.25 15.53
C SER C 280 3.12 0.62 16.07
N MET C 281 2.19 -0.33 16.04
CA MET C 281 0.85 -0.09 16.57
C MET C 281 0.80 -0.52 18.04
N ASP C 282 1.89 -1.12 18.52
CA ASP C 282 1.93 -1.64 19.89
C ASP C 282 1.54 -0.65 20.98
N GLY C 283 2.05 0.57 20.87
CA GLY C 283 1.75 1.58 21.87
C GLY C 283 0.31 2.04 21.85
N VAL C 284 -0.26 2.17 20.65
CA VAL C 284 -1.64 2.60 20.54
C VAL C 284 -2.55 1.48 21.04
N GLU C 285 -2.22 0.25 20.67
CA GLU C 285 -2.99 -0.93 21.09
C GLU C 285 -2.99 -1.00 22.62
N HIS C 286 -1.81 -0.85 23.21
CA HIS C 286 -1.68 -0.89 24.66
C HIS C 286 -2.55 0.17 25.33
N LEU C 287 -2.42 1.41 24.89
CA LEU C 287 -3.17 2.51 25.45
C LEU C 287 -4.68 2.26 25.41
N LEU C 288 -5.17 1.84 24.25
CA LEU C 288 -6.60 1.56 24.07
C LEU C 288 -7.08 0.45 25.00
N ARG C 289 -6.32 -0.64 25.07
CA ARG C 289 -6.72 -1.76 25.92
C ARG C 289 -6.60 -1.50 27.41
N GLU C 290 -5.48 -0.93 27.85
CA GLU C 290 -5.25 -0.70 29.25
C GLU C 290 -5.91 0.54 29.86
N TYR C 291 -6.36 1.46 29.01
CA TYR C 291 -7.02 2.66 29.49
C TYR C 291 -8.41 2.77 28.87
N PRO C 292 -9.27 1.78 29.15
CA PRO C 292 -10.63 1.73 28.63
C PRO C 292 -11.48 2.96 28.97
N ASN C 293 -11.09 3.68 30.01
CA ASN C 293 -11.84 4.86 30.45
C ASN C 293 -11.35 6.15 29.82
N ASN C 294 -10.34 6.05 28.94
CA ASN C 294 -9.83 7.22 28.25
C ASN C 294 -10.27 7.10 26.80
N LYS C 295 -10.42 8.25 26.13
CA LYS C 295 -10.80 8.31 24.73
C LYS C 295 -9.59 8.76 23.93
N PHE C 296 -9.40 8.16 22.77
CA PHE C 296 -8.26 8.47 21.92
C PHE C 296 -8.66 8.79 20.47
N LEU C 297 -8.17 9.92 19.97
CA LEU C 297 -8.40 10.33 18.59
C LEU C 297 -7.04 10.08 17.94
N VAL C 298 -7.02 9.33 16.85
CA VAL C 298 -5.73 9.04 16.20
C VAL C 298 -5.74 9.21 14.69
N THR C 299 -4.63 9.74 14.18
CA THR C 299 -4.44 9.88 12.74
C THR C 299 -2.95 9.56 12.59
N MET C 300 -2.59 8.88 11.50
CA MET C 300 -1.19 8.52 11.31
C MET C 300 -0.66 9.04 9.99
N LEU C 301 0.64 9.31 9.94
CA LEU C 301 1.28 9.89 8.76
C LEU C 301 1.75 8.92 7.68
N SER C 302 2.13 7.70 8.06
CA SER C 302 2.62 6.73 7.09
C SER C 302 1.53 6.03 6.29
N ARG C 303 1.71 5.92 4.98
CA ARG C 303 0.72 5.22 4.16
C ARG C 303 0.58 3.77 4.65
N GLU C 304 1.71 3.19 5.07
CA GLU C 304 1.73 1.80 5.53
C GLU C 304 1.10 1.51 6.91
N ASN C 305 0.67 2.55 7.62
CA ASN C 305 0.01 2.35 8.92
C ASN C 305 -1.51 2.43 8.76
N GLN C 306 -2.00 2.85 7.59
CA GLN C 306 -3.44 3.06 7.45
C GLN C 306 -4.37 1.87 7.59
N HIS C 307 -4.09 0.77 6.91
CA HIS C 307 -4.96 -0.38 7.00
C HIS C 307 -5.01 -0.97 8.42
N GLU C 308 -3.85 -1.14 9.05
CA GLU C 308 -3.84 -1.69 10.40
C GLU C 308 -4.49 -0.74 11.41
N LEU C 309 -4.46 0.58 11.15
CA LEU C 309 -5.09 1.52 12.06
C LEU C 309 -6.60 1.28 12.00
N VAL C 310 -7.11 1.00 10.81
CA VAL C 310 -8.53 0.73 10.63
C VAL C 310 -8.90 -0.53 11.41
N VAL C 311 -8.08 -1.57 11.29
CA VAL C 311 -8.35 -2.81 11.99
C VAL C 311 -8.36 -2.60 13.50
N LEU C 312 -7.47 -1.74 13.98
CA LEU C 312 -7.40 -1.46 15.42
C LEU C 312 -8.69 -0.79 15.88
N ALA C 313 -9.25 0.07 15.03
CA ALA C 313 -10.50 0.75 15.37
C ALA C 313 -11.63 -0.29 15.51
N ARG C 314 -11.54 -1.36 14.74
CA ARG C 314 -12.54 -2.43 14.81
C ARG C 314 -12.47 -3.09 16.19
N LYS C 315 -11.28 -3.07 16.80
CA LYS C 315 -11.10 -3.70 18.10
C LYS C 315 -11.52 -2.84 19.30
N PHE C 316 -11.32 -1.53 19.21
CA PHE C 316 -11.60 -0.65 20.34
C PHE C 316 -12.51 0.53 20.07
N SER C 317 -13.61 0.60 20.82
CA SER C 317 -14.55 1.69 20.64
C SER C 317 -14.05 2.99 21.26
N ASN C 318 -13.02 2.93 22.09
CA ASN C 318 -12.49 4.16 22.68
C ASN C 318 -11.43 4.76 21.74
N LEU C 319 -11.40 4.24 20.53
CA LEU C 319 -10.51 4.73 19.49
C LEU C 319 -11.37 5.32 18.37
N MET C 320 -11.09 6.57 18.02
CA MET C 320 -11.79 7.21 16.91
C MET C 320 -10.69 7.67 15.97
N ILE C 321 -10.69 7.15 14.74
CA ILE C 321 -9.65 7.56 13.81
C ILE C 321 -10.19 8.70 12.97
N PHE C 322 -9.31 9.64 12.63
CA PHE C 322 -9.74 10.79 11.86
C PHE C 322 -8.74 11.25 10.81
N GLY C 323 -9.30 11.77 9.73
CA GLY C 323 -8.55 12.35 8.64
C GLY C 323 -7.50 11.61 7.86
N CYS C 324 -7.04 12.31 6.83
CA CYS C 324 -5.98 11.88 5.93
C CYS C 324 -4.99 13.00 6.13
N TRP C 325 -4.12 12.78 7.12
CA TRP C 325 -3.14 13.74 7.54
C TRP C 325 -1.90 14.02 6.69
N TRP C 326 -1.70 15.29 6.38
CA TRP C 326 -0.49 15.75 5.71
C TRP C 326 -0.10 15.02 4.41
N PHE C 327 0.90 14.15 4.50
CA PHE C 327 1.36 13.41 3.32
C PHE C 327 0.32 12.40 2.85
N MET C 328 -0.74 12.23 3.66
CA MET C 328 -1.84 11.33 3.31
C MET C 328 -2.94 12.14 2.61
N ASN C 329 -2.84 13.47 2.69
CA ASN C 329 -3.87 14.33 2.12
C ASN C 329 -3.72 14.59 0.62
N ASN C 330 -3.62 13.50 -0.14
CA ASN C 330 -3.50 13.55 -1.59
C ASN C 330 -4.58 12.61 -2.12
N PRO C 331 -5.23 12.97 -3.24
CA PRO C 331 -6.30 12.16 -3.84
C PRO C 331 -6.10 10.64 -3.89
N GLU C 332 -4.92 10.19 -4.32
CA GLU C 332 -4.68 8.74 -4.41
C GLU C 332 -4.79 8.11 -3.03
N ILE C 333 -4.24 8.78 -2.02
CA ILE C 333 -4.27 8.23 -0.66
C ILE C 333 -5.64 8.41 0.01
N ILE C 334 -6.21 9.62 -0.10
CA ILE C 334 -7.52 9.89 0.48
C ILE C 334 -8.53 8.85 0.01
N ASN C 335 -8.48 8.53 -1.28
CA ASN C 335 -9.40 7.55 -1.85
C ASN C 335 -9.21 6.15 -1.25
N GLU C 336 -7.98 5.64 -1.24
CA GLU C 336 -7.78 4.30 -0.70
C GLU C 336 -8.09 4.23 0.79
N MET C 337 -7.72 5.27 1.54
CA MET C 337 -7.97 5.31 2.98
C MET C 337 -9.47 5.33 3.29
N THR C 338 -10.18 6.24 2.65
CA THR C 338 -11.60 6.39 2.87
C THR C 338 -12.36 5.11 2.53
N ARG C 339 -11.93 4.42 1.49
CA ARG C 339 -12.58 3.17 1.11
C ARG C 339 -12.29 2.04 2.09
N MET C 340 -11.05 1.93 2.57
CA MET C 340 -10.71 0.88 3.53
C MET C 340 -11.49 1.11 4.82
N ARG C 341 -11.56 2.38 5.24
CA ARG C 341 -12.25 2.75 6.46
C ARG C 341 -13.74 2.41 6.41
N MET C 342 -14.42 2.81 5.34
CA MET C 342 -15.85 2.54 5.25
C MET C 342 -16.13 1.04 5.12
N GLU C 343 -15.28 0.32 4.40
CA GLU C 343 -15.50 -1.11 4.21
C GLU C 343 -15.39 -1.90 5.51
N MET C 344 -14.54 -1.43 6.43
CA MET C 344 -14.36 -2.10 7.71
C MET C 344 -15.00 -1.42 8.92
N LEU C 345 -15.41 -0.16 8.77
CA LEU C 345 -16.01 0.58 9.88
C LEU C 345 -17.38 1.18 9.55
N GLY C 346 -17.83 1.00 8.33
CA GLY C 346 -19.11 1.59 7.95
C GLY C 346 -18.98 3.09 8.05
N THR C 347 -19.78 3.72 8.92
CA THR C 347 -19.70 5.16 9.08
C THR C 347 -19.12 5.58 10.43
N SER C 348 -18.57 4.63 11.19
CA SER C 348 -18.02 4.95 12.51
C SER C 348 -16.60 5.51 12.52
N PHE C 349 -16.37 6.56 11.72
CA PHE C 349 -15.07 7.21 11.69
C PHE C 349 -15.22 8.65 11.19
N ILE C 350 -14.12 9.41 11.25
CA ILE C 350 -14.11 10.80 10.79
C ILE C 350 -13.20 10.86 9.58
N PRO C 351 -13.77 10.83 8.37
CA PRO C 351 -12.96 10.86 7.15
C PRO C 351 -11.93 11.96 6.92
N GLN C 352 -12.19 13.18 7.37
CA GLN C 352 -11.23 14.23 7.07
C GLN C 352 -11.21 15.45 7.98
N HIS C 353 -10.09 16.17 7.93
CA HIS C 353 -9.88 17.43 8.64
C HIS C 353 -9.02 18.19 7.64
N SER C 354 -9.00 19.51 7.72
CA SER C 354 -8.25 20.30 6.74
C SER C 354 -6.79 20.59 7.07
N ASP C 355 -6.50 20.81 8.35
CA ASP C 355 -5.14 21.13 8.77
C ASP C 355 -4.76 22.49 8.18
N ALA C 356 -5.76 23.28 7.84
CA ALA C 356 -5.52 24.61 7.24
C ALA C 356 -4.64 25.50 8.10
N ARG C 357 -3.59 26.06 7.48
CA ARG C 357 -2.67 26.97 8.13
C ARG C 357 -2.97 28.39 7.63
N VAL C 358 -3.64 28.44 6.48
CA VAL C 358 -4.03 29.70 5.86
C VAL C 358 -5.53 29.62 5.65
N LEU C 359 -6.24 30.64 6.15
CA LEU C 359 -7.70 30.70 6.09
C LEU C 359 -8.39 30.18 4.82
N GLU C 360 -7.99 30.68 3.66
CA GLU C 360 -8.63 30.26 2.41
C GLU C 360 -8.48 28.77 2.06
N GLN C 361 -7.49 28.11 2.63
CA GLN C 361 -7.29 26.69 2.34
C GLN C 361 -8.52 25.87 2.64
N LEU C 362 -9.38 26.38 3.53
CA LEU C 362 -10.61 25.66 3.87
C LEU C 362 -11.42 25.39 2.62
N ILE C 363 -11.37 26.31 1.67
CA ILE C 363 -12.12 26.14 0.42
C ILE C 363 -11.66 24.91 -0.35
N TYR C 364 -10.38 24.84 -0.68
CA TYR C 364 -9.88 23.70 -1.45
C TYR C 364 -9.81 22.39 -0.67
N LYS C 365 -9.36 22.45 0.58
CA LYS C 365 -9.26 21.22 1.37
C LYS C 365 -10.58 20.48 1.40
N TRP C 366 -11.65 21.19 1.72
CA TRP C 366 -12.96 20.56 1.78
C TRP C 366 -13.57 20.27 0.42
N HIS C 367 -13.28 21.08 -0.59
CA HIS C 367 -13.82 20.85 -1.92
C HIS C 367 -13.18 19.57 -2.50
N HIS C 368 -11.86 19.48 -2.44
CA HIS C 368 -11.15 18.31 -2.96
C HIS C 368 -11.51 17.02 -2.23
N SER C 369 -11.65 17.10 -0.90
CA SER C 369 -12.00 15.92 -0.10
C SER C 369 -13.46 15.51 -0.22
N LYS C 370 -14.36 16.50 -0.23
CA LYS C 370 -15.78 16.17 -0.34
C LYS C 370 -16.10 15.43 -1.64
N SER C 371 -15.49 15.86 -2.74
CA SER C 371 -15.76 15.19 -4.01
C SER C 371 -15.33 13.72 -3.94
N ILE C 372 -14.19 13.47 -3.32
CA ILE C 372 -13.71 12.09 -3.20
C ILE C 372 -14.61 11.29 -2.26
N ILE C 373 -14.94 11.86 -1.11
CA ILE C 373 -15.80 11.18 -0.13
C ILE C 373 -17.17 10.89 -0.75
N ALA C 374 -17.68 11.84 -1.53
CA ALA C 374 -18.96 11.67 -2.18
C ALA C 374 -18.94 10.43 -3.08
N GLU C 375 -17.88 10.30 -3.89
CA GLU C 375 -17.75 9.16 -4.79
C GLU C 375 -17.73 7.83 -4.03
N VAL C 376 -16.98 7.77 -2.93
CA VAL C 376 -16.93 6.54 -2.16
C VAL C 376 -18.34 6.19 -1.67
N LEU C 377 -19.03 7.18 -1.12
CA LEU C 377 -20.39 6.98 -0.62
C LEU C 377 -21.33 6.47 -1.72
N ILE C 378 -21.24 7.07 -2.90
CA ILE C 378 -22.09 6.64 -4.00
C ILE C 378 -21.85 5.16 -4.29
N ASP C 379 -20.59 4.76 -4.37
CA ASP C 379 -20.26 3.36 -4.62
C ASP C 379 -20.82 2.44 -3.53
N LYS C 380 -20.63 2.83 -2.27
CA LYS C 380 -21.12 2.01 -1.17
C LYS C 380 -22.64 1.96 -1.09
N TYR C 381 -23.29 3.09 -1.33
CA TYR C 381 -24.75 3.10 -1.30
C TYR C 381 -25.26 2.28 -2.49
N ASP C 382 -24.62 2.44 -3.65
CA ASP C 382 -25.05 1.70 -4.84
C ASP C 382 -24.91 0.19 -4.63
N ASP C 383 -23.83 -0.25 -3.98
CA ASP C 383 -23.66 -1.68 -3.74
C ASP C 383 -24.78 -2.28 -2.90
N ILE C 384 -25.27 -1.55 -1.91
CA ILE C 384 -26.36 -2.10 -1.10
C ILE C 384 -27.69 -1.96 -1.82
N LEU C 385 -27.79 -0.96 -2.70
CA LEU C 385 -29.02 -0.76 -3.47
C LEU C 385 -29.14 -1.96 -4.41
N GLN C 386 -28.01 -2.39 -4.95
CA GLN C 386 -27.97 -3.54 -5.85
C GLN C 386 -28.27 -4.82 -5.08
N ALA C 387 -28.14 -4.76 -3.77
CA ALA C 387 -28.41 -5.92 -2.93
C ALA C 387 -29.90 -5.93 -2.56
N GLY C 388 -30.60 -4.87 -2.93
CA GLY C 388 -32.03 -4.80 -2.63
C GLY C 388 -32.43 -3.80 -1.57
N TRP C 389 -31.44 -3.22 -0.89
CA TRP C 389 -31.70 -2.25 0.16
C TRP C 389 -32.13 -0.92 -0.45
N GLU C 390 -33.01 -0.20 0.24
CA GLU C 390 -33.48 1.07 -0.27
C GLU C 390 -33.12 2.21 0.70
N VAL C 391 -32.15 3.01 0.30
CA VAL C 391 -31.70 4.13 1.12
C VAL C 391 -32.52 5.38 0.83
N THR C 392 -32.99 6.03 1.89
CA THR C 392 -33.78 7.25 1.72
C THR C 392 -32.83 8.44 1.77
N GLU C 393 -33.26 9.55 1.19
CA GLU C 393 -32.44 10.75 1.16
C GLU C 393 -32.19 11.27 2.58
N GLU C 394 -33.11 10.99 3.50
CA GLU C 394 -32.95 11.43 4.88
C GLU C 394 -31.86 10.62 5.57
N GLU C 395 -31.77 9.34 5.25
CA GLU C 395 -30.76 8.49 5.85
C GLU C 395 -29.41 8.95 5.31
N ILE C 396 -29.36 9.31 4.03
CA ILE C 396 -28.12 9.78 3.40
C ILE C 396 -27.64 11.05 4.09
N LYS C 397 -28.57 11.99 4.35
CA LYS C 397 -28.22 13.24 5.00
C LYS C 397 -27.74 12.99 6.43
N ARG C 398 -28.32 11.98 7.06
CA ARG C 398 -27.95 11.59 8.41
C ARG C 398 -26.51 11.04 8.40
N ASP C 399 -26.24 10.12 7.48
CA ASP C 399 -24.91 9.52 7.39
C ASP C 399 -23.84 10.56 7.12
N VAL C 400 -24.13 11.47 6.20
CA VAL C 400 -23.22 12.54 5.84
C VAL C 400 -22.97 13.48 7.03
N ALA C 401 -24.01 13.71 7.83
CA ALA C 401 -23.90 14.55 9.01
C ALA C 401 -22.96 13.88 10.01
N ASP C 402 -23.10 12.57 10.17
CA ASP C 402 -22.26 11.83 11.10
C ASP C 402 -20.79 11.97 10.72
N LEU C 403 -20.50 11.65 9.46
CA LEU C 403 -19.14 11.70 8.91
C LEU C 403 -18.46 13.06 8.96
N PHE C 404 -19.20 14.11 8.59
CA PHE C 404 -18.60 15.44 8.56
C PHE C 404 -18.74 16.27 9.83
N SER C 405 -19.52 15.82 10.80
CA SER C 405 -19.67 16.61 12.01
C SER C 405 -20.10 15.88 13.29
N ARG C 406 -21.18 15.12 13.21
CA ARG C 406 -21.71 14.43 14.38
C ARG C 406 -20.81 13.41 15.07
N ASN C 407 -20.07 12.61 14.30
CA ASN C 407 -19.21 11.60 14.90
C ASN C 407 -18.21 12.28 15.85
N PHE C 408 -17.68 13.43 15.44
CA PHE C 408 -16.72 14.14 16.27
C PHE C 408 -17.31 14.63 17.59
N TRP C 409 -18.34 15.45 17.51
CA TRP C 409 -18.96 15.99 18.73
C TRP C 409 -19.45 14.87 19.63
N ARG C 410 -19.95 13.80 19.02
CA ARG C 410 -20.44 12.65 19.78
C ARG C 410 -19.28 12.00 20.55
N PHE C 411 -18.14 11.84 19.88
CA PHE C 411 -16.98 11.21 20.53
C PHE C 411 -16.40 12.04 21.66
N VAL C 412 -16.22 13.34 21.44
CA VAL C 412 -15.64 14.20 22.47
C VAL C 412 -16.66 14.70 23.49
N GLY C 413 -17.94 14.48 23.19
CA GLY C 413 -19.02 14.92 24.05
C GLY C 413 -18.75 14.83 25.54
O1A FIX D . 19.79 -3.06 -12.66
C1 FIX D . 19.54 -3.98 -11.84
O1B FIX D . 20.29 -4.35 -10.92
C2 FIX D . 18.19 -4.70 -11.97
O2 FIX D . 17.27 -3.86 -12.71
C3 FIX D . 18.37 -6.07 -12.67
O3 FIX D . 19.32 -6.85 -11.91
C4 FIX D . 17.10 -6.95 -12.82
O4 FIX D . 17.46 -8.30 -13.18
C5 FIX D . 16.10 -6.40 -13.89
O5 FIX D . 16.51 -5.86 -14.92
C6 FIX D . 14.60 -6.55 -13.68
O6 FIX D . 13.87 -5.57 -14.40
C CO3 E . 6.07 19.51 3.40
O1 CO3 E . 6.75 18.72 2.62
O2 CO3 E . 6.00 20.78 3.10
O3 CO3 E . 5.76 19.11 4.60
ZN ZN F . 18.26 -2.81 -14.08
CL CL G . 5.32 -1.66 5.63
O1A FIX H . -8.83 -19.70 10.22
C1 FIX H . -8.47 -18.74 10.93
O1B FIX H . -7.58 -18.79 11.81
C2 FIX H . -9.18 -17.38 10.71
O2 FIX H . -9.60 -17.29 9.35
C3 FIX H . -10.39 -17.24 11.67
O3 FIX H . -9.91 -17.41 13.03
C4 FIX H . -11.15 -15.88 11.63
O4 FIX H . -11.98 -15.75 12.79
C5 FIX H . -12.05 -15.72 10.38
O5 FIX H . -12.61 -16.70 9.89
C6 FIX H . -12.23 -14.36 9.73
O6 FIX H . -12.09 -14.43 8.31
C CO3 I . 11.85 -12.21 -11.69
O1 CO3 I . 10.93 -12.61 -10.89
O2 CO3 I . 11.99 -12.79 -12.86
O3 CO3 I . 12.76 -11.38 -11.28
C CO3 J . -13.04 -8.73 13.42
O1 CO3 J . -12.72 -7.48 13.40
O2 CO3 J . -14.24 -9.09 13.77
O3 CO3 J . -12.14 -9.64 13.20
ZN ZN K . -10.34 -19.12 8.61
O1A FIX L . -0.26 19.53 13.59
C1 FIX L . 0.83 19.08 13.15
O1B FIX L . 1.79 18.70 13.83
C2 FIX L . 0.99 19.01 11.63
O2 FIX L . -0.30 18.86 11.03
C3 FIX L . 1.71 20.27 11.11
O3 FIX L . 2.94 20.43 11.84
C4 FIX L . 2.08 20.31 9.60
O4 FIX L . 3.04 21.34 9.36
C5 FIX L . 0.87 20.55 8.68
O5 FIX L . -0.06 21.29 9.02
C6 FIX L . 0.80 19.86 7.32
O6 FIX L . -0.53 19.40 7.00
ZN ZN M . -1.73 19.94 11.95
ZN ZN N . -5.19 1.63 -5.34
#